data_3TBC
#
_entry.id   3TBC
#
_cell.length_a   127.020
_cell.length_b   127.020
_cell.length_c   155.540
_cell.angle_alpha   90.000
_cell.angle_beta   90.000
_cell.angle_gamma   120.000
#
_symmetry.space_group_name_H-M   'P 31 2 1'
#
loop_
_entity.id
_entity.type
_entity.pdbx_description
1 polymer 'small laccase, two-domain laccase, multi-copper oxidase'
2 non-polymer 'COPPER (II) ION'
3 non-polymer 'OXYGEN MOLECULE'
4 non-polymer 'PHOSPHATE ION'
5 non-polymer 1-(4-hydroxy-3-methoxyphenyl)ethanone
6 non-polymer TRIS(HYDROXYETHYL)AMINOMETHANE
7 water water
#
_entity_poly.entity_id   1
_entity_poly.type   'polypeptide(L)'
_entity_poly.pdbx_seq_one_letter_code
;MGPAKTAPAGGEVKRIKLYAERLGGGQMGYGLEKGKATIPGPLIELNEGDTLHIEFENTMDVPVSLHVHGLDYEISSDGT
KQSRSDVEPGGTRTYTWRTHVPGRRADGTWRAGSAGYWHYHDHVVGTEHGTGGIRNGLYGPVIVRRKGDVLPDRTHTIVF
NDMTINNRPAHTGPDFEATVGDRVEFVMITHGEYYHTFHLHGHRWADNRTGMLTGPDDPSQVIDNKICGPADSFGFQVIA
GEGVGAGAWMYHCHVQSHSDMGMVGLFLVKKPDGTIPGYDPHRHHHGAASGKPEKAEKPAGSEKTEESEEHAH
;
_entity_poly.pdbx_strand_id   A,B,C
#
# COMPACT_ATOMS: atom_id res chain seq x y z
N MET A 1 -19.94 28.10 4.14
CA MET A 1 -19.87 26.70 4.56
C MET A 1 -20.74 26.42 5.79
N GLY A 2 -21.78 25.58 5.62
CA GLY A 2 -22.63 25.14 6.71
C GLY A 2 -22.36 23.70 7.09
N PRO A 3 -23.11 23.16 8.07
CA PRO A 3 -22.89 21.76 8.46
C PRO A 3 -23.12 20.80 7.31
N ALA A 4 -22.18 19.89 7.06
CA ALA A 4 -22.27 18.99 5.92
C ALA A 4 -23.46 18.06 6.01
N LYS A 5 -24.11 17.81 4.86
CA LYS A 5 -25.16 16.81 4.81
C LYS A 5 -24.53 15.42 4.91
N THR A 6 -25.22 14.51 5.56
CA THR A 6 -24.70 13.16 5.74
C THR A 6 -25.59 12.05 5.18
N ALA A 7 -24.99 10.90 4.94
CA ALA A 7 -25.75 9.72 4.51
C ALA A 7 -26.73 9.27 5.57
N PRO A 8 -27.98 8.98 5.17
CA PRO A 8 -28.98 8.45 6.09
C PRO A 8 -28.79 6.93 6.19
N ALA A 9 -29.63 6.27 6.97
CA ALA A 9 -29.52 4.83 7.13
C ALA A 9 -30.12 4.11 5.92
N GLY A 10 -29.52 2.97 5.55
CA GLY A 10 -30.02 2.16 4.46
C GLY A 10 -31.11 1.17 4.87
N GLY A 11 -31.26 0.10 4.06
CA GLY A 11 -32.30 -0.89 4.23
C GLY A 11 -33.43 -0.87 3.20
N GLU A 12 -33.32 0.02 2.21
CA GLU A 12 -34.24 0.07 1.08
C GLU A 12 -33.91 -0.98 0.03
N VAL A 13 -34.95 -1.48 -0.67
CA VAL A 13 -34.74 -2.35 -1.83
C VAL A 13 -34.77 -1.49 -3.09
N LYS A 14 -33.63 -1.42 -3.76
CA LYS A 14 -33.51 -0.55 -4.93
C LYS A 14 -33.36 -1.36 -6.23
N ARG A 15 -33.82 -0.78 -7.34
CA ARG A 15 -33.74 -1.44 -8.64
C ARG A 15 -33.20 -0.51 -9.72
N ILE A 16 -32.31 -1.03 -10.54
CA ILE A 16 -31.88 -0.34 -11.76
C ILE A 16 -31.75 -1.35 -12.90
N LYS A 17 -31.66 -0.84 -14.12
CA LYS A 17 -31.36 -1.69 -15.27
C LYS A 17 -29.96 -1.37 -15.79
N LEU A 18 -29.24 -2.39 -16.23
CA LEU A 18 -27.89 -2.19 -16.71
C LEU A 18 -27.76 -2.94 -18.03
N TYR A 19 -27.19 -2.26 -19.03
CA TYR A 19 -26.97 -2.87 -20.33
C TYR A 19 -25.48 -2.98 -20.62
N ALA A 20 -25.08 -4.04 -21.33
CA ALA A 20 -23.69 -4.17 -21.80
C ALA A 20 -23.69 -3.95 -23.29
N GLU A 21 -23.09 -2.85 -23.75
CA GLU A 21 -23.11 -2.53 -25.17
C GLU A 21 -21.71 -2.50 -25.79
N ARG A 22 -21.63 -2.68 -27.09
CA ARG A 22 -20.42 -2.37 -27.83
C ARG A 22 -20.45 -0.88 -28.15
N LEU A 23 -19.30 -0.23 -28.01
CA LEU A 23 -19.16 1.16 -28.35
C LEU A 23 -18.13 1.32 -29.47
N GLY A 24 -17.89 2.56 -29.88
CA GLY A 24 -16.92 2.80 -30.94
C GLY A 24 -15.56 2.19 -30.68
N GLY A 25 -15.00 1.55 -31.72
CA GLY A 25 -13.61 1.15 -31.70
C GLY A 25 -13.28 -0.08 -30.88
N GLY A 26 -14.20 -1.03 -30.88
CA GLY A 26 -13.99 -2.26 -30.14
C GLY A 26 -14.14 -2.12 -28.63
N GLN A 27 -14.55 -0.93 -28.17
CA GLN A 27 -14.79 -0.72 -26.75
C GLN A 27 -16.14 -1.27 -26.32
N MET A 28 -16.25 -1.62 -25.04
CA MET A 28 -17.51 -2.10 -24.48
C MET A 28 -17.80 -1.34 -23.21
N GLY A 29 -19.07 -1.10 -22.91
CA GLY A 29 -19.38 -0.35 -21.72
C GLY A 29 -20.74 -0.69 -21.17
N TYR A 30 -20.90 -0.45 -19.89
CA TYR A 30 -22.21 -0.55 -19.25
C TYR A 30 -23.02 0.75 -19.42
N GLY A 31 -24.35 0.61 -19.39
CA GLY A 31 -25.26 1.74 -19.45
C GLY A 31 -26.58 1.45 -18.74
N LEU A 32 -27.25 2.51 -18.30
CA LEU A 32 -28.53 2.38 -17.60
C LEU A 32 -29.69 2.30 -18.59
N GLU A 33 -29.41 2.66 -19.84
CA GLU A 33 -30.39 2.67 -20.92
C GLU A 33 -29.70 2.14 -22.18
N LYS A 34 -30.45 1.44 -23.02
CA LYS A 34 -29.87 0.97 -24.27
C LYS A 34 -29.41 2.22 -25.06
N GLY A 35 -28.15 2.22 -25.49
CA GLY A 35 -27.58 3.34 -26.24
C GLY A 35 -26.91 4.40 -25.38
N LYS A 36 -27.08 4.28 -24.06
CA LYS A 36 -26.47 5.17 -23.08
C LYS A 36 -25.18 4.71 -22.40
N ALA A 37 -24.60 3.58 -22.82
CA ALA A 37 -23.39 3.06 -22.17
C ALA A 37 -22.24 4.07 -22.06
N THR A 38 -21.52 4.03 -20.94
CA THR A 38 -20.38 4.91 -20.76
C THR A 38 -19.21 4.16 -20.16
N ILE A 39 -18.01 4.64 -20.44
CA ILE A 39 -16.81 4.17 -19.76
C ILE A 39 -16.17 5.33 -19.02
N PRO A 40 -16.12 5.26 -17.69
CA PRO A 40 -16.54 4.16 -16.83
C PRO A 40 -18.05 3.99 -16.82
N GLY A 41 -18.53 2.86 -16.34
CA GLY A 41 -19.96 2.66 -16.33
C GLY A 41 -20.60 3.67 -15.40
N PRO A 42 -21.91 3.58 -15.21
CA PRO A 42 -22.64 4.48 -14.32
C PRO A 42 -22.24 4.33 -12.86
N LEU A 43 -22.26 5.43 -12.12
CA LEU A 43 -21.98 5.41 -10.70
C LEU A 43 -23.13 4.80 -9.92
N ILE A 44 -22.82 3.86 -9.05
CA ILE A 44 -23.83 3.22 -8.23
C ILE A 44 -23.60 3.54 -6.74
N GLU A 45 -24.57 4.15 -6.09
CA GLU A 45 -24.43 4.54 -4.68
C GLU A 45 -25.48 3.84 -3.84
N LEU A 46 -25.05 3.23 -2.75
CA LEU A 46 -25.97 2.60 -1.83
C LEU A 46 -25.68 3.00 -0.39
N ASN A 47 -26.72 3.05 0.42
CA ASN A 47 -26.56 3.24 1.86
C ASN A 47 -26.53 1.87 2.52
N GLU A 48 -25.67 1.70 3.53
CA GLU A 48 -25.49 0.39 4.16
C GLU A 48 -26.85 -0.19 4.57
N GLY A 49 -27.07 -1.45 4.19
CA GLY A 49 -28.34 -2.09 4.44
C GLY A 49 -29.20 -2.17 3.20
N ASP A 50 -28.95 -1.30 2.25
CA ASP A 50 -29.69 -1.33 0.99
C ASP A 50 -29.47 -2.63 0.25
N THR A 51 -30.47 -3.00 -0.54
CA THR A 51 -30.36 -4.13 -1.42
C THR A 51 -30.55 -3.57 -2.82
N LEU A 52 -29.72 -4.02 -3.76
CA LEU A 52 -29.85 -3.58 -5.15
C LEU A 52 -30.16 -4.74 -6.08
N HIS A 53 -31.18 -4.56 -6.93
CA HIS A 53 -31.52 -5.56 -7.96
C HIS A 53 -31.18 -5.00 -9.31
N ILE A 54 -30.23 -5.64 -9.97
CA ILE A 54 -29.78 -5.17 -11.27
C ILE A 54 -30.40 -6.05 -12.33
N GLU A 55 -31.21 -5.44 -13.20
CA GLU A 55 -31.76 -6.15 -14.33
C GLU A 55 -30.77 -5.94 -15.47
N PHE A 56 -30.09 -7.01 -15.84
CA PHE A 56 -28.95 -6.92 -16.72
C PHE A 56 -29.28 -7.55 -18.05
N GLU A 57 -29.05 -6.81 -19.13
CA GLU A 57 -29.15 -7.37 -20.48
C GLU A 57 -27.80 -7.31 -21.19
N ASN A 58 -27.46 -8.41 -21.87
CA ASN A 58 -26.24 -8.47 -22.65
C ASN A 58 -26.59 -8.37 -24.12
N THR A 59 -26.26 -7.24 -24.74
CA THR A 59 -26.60 -7.03 -26.14
C THR A 59 -25.47 -7.40 -27.08
N MET A 60 -24.36 -7.89 -26.54
CA MET A 60 -23.18 -8.13 -27.37
C MET A 60 -23.13 -9.51 -28.02
N ASP A 61 -22.12 -9.71 -28.86
CA ASP A 61 -21.97 -10.95 -29.64
C ASP A 61 -21.39 -12.08 -28.80
N VAL A 62 -20.76 -11.73 -27.69
CA VAL A 62 -20.05 -12.67 -26.85
C VAL A 62 -20.58 -12.55 -25.43
N PRO A 63 -20.43 -13.60 -24.61
CA PRO A 63 -20.96 -13.60 -23.23
C PRO A 63 -20.28 -12.53 -22.39
N VAL A 64 -21.01 -11.97 -21.43
CA VAL A 64 -20.47 -10.94 -20.56
C VAL A 64 -20.95 -11.24 -19.15
N SER A 65 -20.30 -10.64 -18.16
CA SER A 65 -20.78 -10.79 -16.80
C SER A 65 -20.68 -9.49 -16.05
N LEU A 66 -21.17 -9.51 -14.81
CA LEU A 66 -21.13 -8.38 -13.91
C LEU A 66 -20.63 -8.91 -12.57
N HIS A 67 -19.50 -8.40 -12.14
CA HIS A 67 -18.90 -8.87 -10.90
C HIS A 67 -18.45 -7.69 -10.07
N VAL A 68 -18.84 -7.68 -8.80
CA VAL A 68 -18.68 -6.51 -7.98
C VAL A 68 -17.75 -6.81 -6.83
N HIS A 69 -17.11 -5.76 -6.31
CA HIS A 69 -16.16 -5.91 -5.22
C HIS A 69 -16.76 -5.42 -3.92
N GLY A 70 -16.48 -6.15 -2.84
CA GLY A 70 -16.78 -5.67 -1.50
C GLY A 70 -18.21 -5.86 -1.02
N LEU A 71 -19.17 -6.04 -1.91
CA LEU A 71 -20.56 -6.09 -1.47
C LEU A 71 -21.03 -7.53 -1.24
N ASP A 72 -22.24 -7.68 -0.74
CA ASP A 72 -22.74 -9.02 -0.45
C ASP A 72 -23.50 -9.58 -1.64
N TYR A 73 -23.04 -10.71 -2.16
CA TYR A 73 -23.72 -11.38 -3.25
C TYR A 73 -23.61 -12.89 -3.09
N GLU A 74 -24.71 -13.59 -3.32
CA GLU A 74 -24.70 -15.06 -3.31
C GLU A 74 -23.91 -15.52 -4.52
N ILE A 75 -23.45 -16.78 -4.49
CA ILE A 75 -22.61 -17.31 -5.57
C ILE A 75 -23.24 -17.07 -6.94
N SER A 76 -24.57 -17.11 -7.00
CA SER A 76 -25.33 -16.94 -8.24
C SER A 76 -25.22 -15.53 -8.83
N SER A 77 -24.81 -14.56 -8.02
CA SER A 77 -24.43 -13.26 -8.52
C SER A 77 -22.92 -13.02 -8.67
N ASP A 78 -22.12 -14.06 -8.48
CA ASP A 78 -20.67 -13.93 -8.58
C ASP A 78 -20.23 -13.28 -9.90
N GLY A 79 -20.92 -13.60 -10.98
CA GLY A 79 -20.57 -13.06 -12.28
C GLY A 79 -19.40 -13.76 -12.95
N THR A 80 -19.37 -15.07 -12.83
CA THR A 80 -18.30 -15.85 -13.45
C THR A 80 -18.84 -17.05 -14.21
N LYS A 81 -18.07 -17.50 -15.20
CA LYS A 81 -18.45 -18.65 -15.99
C LYS A 81 -18.53 -19.92 -15.12
N GLN A 82 -17.62 -20.04 -14.15
CA GLN A 82 -17.57 -21.23 -13.30
C GLN A 82 -18.79 -21.37 -12.40
N SER A 83 -19.33 -20.24 -11.97
CA SER A 83 -20.53 -20.25 -11.15
C SER A 83 -21.80 -20.18 -12.00
N ARG A 84 -21.66 -20.27 -13.32
CA ARG A 84 -22.81 -20.22 -14.22
C ARG A 84 -23.62 -18.92 -14.05
N SER A 85 -22.97 -17.89 -13.55
CA SER A 85 -23.58 -16.60 -13.35
C SER A 85 -23.30 -15.55 -14.46
N ASP A 86 -22.63 -15.93 -15.55
CA ASP A 86 -22.46 -15.00 -16.68
C ASP A 86 -23.70 -14.96 -17.60
N VAL A 87 -23.65 -14.10 -18.63
CA VAL A 87 -24.84 -13.89 -19.46
C VAL A 87 -24.57 -14.08 -20.94
N GLU A 88 -25.41 -14.88 -21.57
CA GLU A 88 -25.19 -15.23 -22.96
C GLU A 88 -25.64 -14.08 -23.86
N PRO A 89 -25.08 -14.01 -25.09
CA PRO A 89 -25.46 -12.94 -26.00
C PRO A 89 -26.98 -12.84 -26.14
N GLY A 90 -27.49 -11.63 -25.95
CA GLY A 90 -28.92 -11.38 -26.04
C GLY A 90 -29.68 -11.92 -24.87
N GLY A 91 -28.98 -12.34 -23.82
CA GLY A 91 -29.63 -12.83 -22.63
C GLY A 91 -29.78 -11.81 -21.50
N THR A 92 -30.60 -12.15 -20.51
CA THR A 92 -30.71 -11.30 -19.34
C THR A 92 -30.56 -12.12 -18.07
N ARG A 93 -30.24 -11.43 -16.99
CA ARG A 93 -30.14 -12.02 -15.67
C ARG A 93 -30.46 -10.90 -14.68
N THR A 94 -31.04 -11.23 -13.53
CA THR A 94 -31.02 -10.27 -12.45
C THR A 94 -29.84 -10.54 -11.52
N TYR A 95 -28.92 -9.59 -11.45
CA TYR A 95 -27.85 -9.65 -10.48
C TYR A 95 -28.33 -8.96 -9.22
N THR A 96 -28.03 -9.55 -8.06
CA THR A 96 -28.44 -8.94 -6.80
C THR A 96 -27.30 -8.69 -5.85
N TRP A 97 -27.15 -7.43 -5.44
CA TRP A 97 -26.15 -7.05 -4.45
C TRP A 97 -26.84 -6.69 -3.15
N ARG A 98 -26.22 -7.07 -2.05
CA ARG A 98 -26.74 -6.71 -0.73
C ARG A 98 -25.67 -5.97 0.06
N THR A 99 -26.07 -5.24 1.10
CA THR A 99 -25.14 -4.53 1.96
C THR A 99 -25.63 -4.57 3.39
N HIS A 100 -24.70 -4.63 4.34
CA HIS A 100 -25.02 -4.72 5.76
C HIS A 100 -24.28 -3.65 6.54
N VAL A 101 -24.84 -3.28 7.69
CA VAL A 101 -24.19 -2.36 8.62
C VAL A 101 -23.18 -3.11 9.46
N PRO A 102 -22.25 -2.38 10.09
CA PRO A 102 -21.36 -3.06 11.02
C PRO A 102 -22.10 -3.41 12.32
N GLY A 103 -21.55 -4.31 13.10
CA GLY A 103 -22.21 -4.76 14.32
C GLY A 103 -21.44 -5.79 15.10
N ARG A 104 -21.87 -6.02 16.34
CA ARG A 104 -21.19 -6.96 17.21
C ARG A 104 -21.69 -8.37 16.91
N ARG A 105 -20.77 -9.25 16.52
CA ARG A 105 -21.09 -10.66 16.26
C ARG A 105 -21.41 -11.35 17.57
N ALA A 106 -22.15 -12.46 17.47
CA ALA A 106 -22.47 -13.28 18.63
C ALA A 106 -21.20 -13.75 19.35
N ASP A 107 -20.10 -13.86 18.60
CA ASP A 107 -18.85 -14.33 19.19
C ASP A 107 -18.04 -13.20 19.85
N GLY A 108 -18.56 -11.98 19.84
CA GLY A 108 -17.89 -10.91 20.56
C GLY A 108 -17.07 -10.02 19.65
N THR A 109 -16.74 -10.54 18.48
CA THR A 109 -15.98 -9.80 17.46
C THR A 109 -16.85 -8.73 16.80
N TRP A 110 -16.21 -7.76 16.15
CA TRP A 110 -16.91 -6.66 15.48
C TRP A 110 -16.96 -6.87 13.96
N ARG A 111 -18.14 -7.14 13.42
CA ARG A 111 -18.29 -7.36 11.98
C ARG A 111 -18.22 -6.05 11.20
N ALA A 112 -17.30 -5.98 10.25
CA ALA A 112 -17.20 -4.80 9.39
C ALA A 112 -18.41 -4.72 8.47
N GLY A 113 -18.90 -3.51 8.26
CA GLY A 113 -19.99 -3.28 7.33
C GLY A 113 -19.53 -3.20 5.87
N SER A 114 -20.47 -2.98 4.95
CA SER A 114 -20.14 -2.96 3.53
C SER A 114 -19.53 -1.64 3.06
N ALA A 115 -19.50 -0.62 3.90
CA ALA A 115 -19.22 0.72 3.39
C ALA A 115 -17.80 0.89 2.84
N GLY A 116 -17.69 1.62 1.74
CA GLY A 116 -16.39 1.97 1.21
C GLY A 116 -16.44 2.24 -0.27
N TYR A 117 -15.28 2.49 -0.86
CA TYR A 117 -15.17 2.72 -2.30
C TYR A 117 -14.89 1.42 -3.02
N TRP A 118 -15.84 1.01 -3.84
CA TRP A 118 -15.74 -0.28 -4.52
C TRP A 118 -15.99 -0.12 -6.02
N HIS A 119 -16.06 -1.24 -6.73
CA HIS A 119 -16.25 -1.22 -8.16
C HIS A 119 -16.83 -2.54 -8.68
N TYR A 120 -17.35 -2.50 -9.90
CA TYR A 120 -17.86 -3.70 -10.59
C TYR A 120 -17.25 -3.71 -11.99
N HIS A 121 -17.25 -4.86 -12.64
CA HIS A 121 -16.62 -4.99 -13.94
C HIS A 121 -16.84 -6.38 -14.51
N ASP A 122 -16.57 -6.56 -15.79
CA ASP A 122 -16.83 -7.86 -16.41
C ASP A 122 -15.77 -8.88 -15.98
N HIS A 123 -16.20 -10.08 -15.64
CA HIS A 123 -15.31 -11.21 -15.43
C HIS A 123 -15.14 -12.20 -16.61
N VAL A 124 -16.01 -12.12 -17.61
CA VAL A 124 -16.05 -13.16 -18.65
C VAL A 124 -15.46 -12.92 -20.07
N VAL A 125 -15.05 -11.69 -20.38
CA VAL A 125 -14.78 -11.36 -21.79
C VAL A 125 -13.31 -11.45 -22.15
N GLY A 126 -13.04 -12.29 -23.13
CA GLY A 126 -11.73 -12.47 -23.74
C GLY A 126 -10.92 -13.51 -22.97
N THR A 127 -11.22 -13.63 -21.68
CA THR A 127 -10.67 -14.66 -20.81
C THR A 127 -11.63 -14.79 -19.63
N GLU A 128 -11.55 -15.91 -18.92
CA GLU A 128 -12.41 -16.16 -17.77
C GLU A 128 -12.16 -15.20 -16.61
N HIS A 129 -11.10 -14.41 -16.70
CA HIS A 129 -10.91 -13.32 -15.75
C HIS A 129 -11.34 -11.97 -16.29
N GLY A 130 -11.91 -11.98 -17.50
CA GLY A 130 -12.50 -10.78 -18.09
C GLY A 130 -11.47 -9.77 -18.55
N THR A 131 -10.28 -10.25 -18.89
CA THR A 131 -9.21 -9.37 -19.30
C THR A 131 -9.66 -8.50 -20.48
N GLY A 132 -10.37 -9.11 -21.42
CA GLY A 132 -10.91 -8.36 -22.55
C GLY A 132 -11.98 -7.37 -22.15
N GLY A 133 -13.01 -7.83 -21.42
CA GLY A 133 -14.07 -6.93 -20.98
C GLY A 133 -13.49 -5.68 -20.35
N ILE A 134 -12.54 -5.88 -19.46
CA ILE A 134 -11.90 -4.77 -18.74
C ILE A 134 -11.10 -3.86 -19.65
N ARG A 135 -10.33 -4.44 -20.56
CA ARG A 135 -9.54 -3.62 -21.46
C ARG A 135 -10.48 -2.80 -22.35
N ASN A 136 -11.59 -3.41 -22.73
CA ASN A 136 -12.57 -2.76 -23.61
C ASN A 136 -13.38 -1.66 -22.93
N GLY A 137 -13.24 -1.53 -21.61
CA GLY A 137 -14.02 -0.55 -20.87
C GLY A 137 -15.17 -1.01 -19.97
N LEU A 138 -15.35 -2.30 -19.70
CA LEU A 138 -16.46 -2.60 -18.83
C LEU A 138 -16.02 -2.57 -17.38
N TYR A 139 -16.41 -1.49 -16.71
CA TYR A 139 -16.11 -1.28 -15.30
C TYR A 139 -16.75 0.03 -14.89
N GLY A 140 -16.96 0.17 -13.59
CA GLY A 140 -17.69 1.31 -13.08
C GLY A 140 -17.58 1.35 -11.58
N PRO A 141 -17.71 2.54 -10.99
CA PRO A 141 -17.59 2.72 -9.56
C PRO A 141 -18.84 2.32 -8.76
N VAL A 142 -18.62 1.81 -7.55
CA VAL A 142 -19.71 1.60 -6.59
C VAL A 142 -19.35 2.26 -5.29
N ILE A 143 -20.27 3.03 -4.72
CA ILE A 143 -20.03 3.67 -3.43
C ILE A 143 -21.06 3.18 -2.42
N VAL A 144 -20.58 2.60 -1.32
CA VAL A 144 -21.46 2.24 -0.23
C VAL A 144 -21.16 3.14 0.95
N ARG A 145 -22.20 3.83 1.43
CA ARG A 145 -22.01 4.82 2.49
C ARG A 145 -22.57 4.35 3.83
N ARG A 146 -21.92 4.78 4.90
CA ARG A 146 -22.36 4.47 6.25
C ARG A 146 -23.21 5.64 6.77
N LYS A 147 -24.22 5.31 7.57
CA LYS A 147 -25.05 6.35 8.13
C LYS A 147 -24.11 7.38 8.75
N GLY A 148 -24.34 8.64 8.42
CA GLY A 148 -23.51 9.70 8.97
C GLY A 148 -22.28 10.03 8.17
N ASP A 149 -22.00 9.28 7.10
CA ASP A 149 -20.89 9.64 6.24
C ASP A 149 -21.16 10.98 5.58
N VAL A 150 -20.11 11.74 5.34
CA VAL A 150 -20.24 13.09 4.79
C VAL A 150 -20.43 13.05 3.28
N LEU A 151 -21.44 13.76 2.80
CA LEU A 151 -21.75 13.77 1.37
C LEU A 151 -21.05 14.87 0.59
N PRO A 152 -20.60 14.58 -0.64
CA PRO A 152 -19.93 15.65 -1.39
C PRO A 152 -20.90 16.46 -2.25
N ASP A 153 -20.42 17.51 -2.91
CA ASP A 153 -21.21 18.28 -3.88
C ASP A 153 -21.24 17.58 -5.22
N ARG A 154 -20.10 17.03 -5.62
CA ARG A 154 -19.92 16.39 -6.92
C ARG A 154 -19.00 15.18 -6.74
N THR A 155 -19.22 14.12 -7.52
CA THR A 155 -18.34 12.96 -7.46
C THR A 155 -17.67 12.72 -8.80
N HIS A 156 -16.38 12.40 -8.81
CA HIS A 156 -15.67 12.11 -10.06
C HIS A 156 -14.91 10.81 -9.98
N THR A 157 -15.04 10.00 -11.03
CA THR A 157 -14.38 8.70 -11.09
C THR A 157 -13.15 8.73 -11.99
N ILE A 158 -12.00 8.43 -11.42
CA ILE A 158 -10.78 8.37 -12.20
C ILE A 158 -10.30 6.93 -12.25
N VAL A 159 -10.35 6.30 -13.41
CA VAL A 159 -9.89 4.92 -13.51
C VAL A 159 -8.59 4.77 -14.28
N PHE A 160 -7.56 4.21 -13.66
CA PHE A 160 -6.37 3.92 -14.43
C PHE A 160 -6.55 2.52 -14.99
N ASN A 161 -6.76 2.45 -16.31
CA ASN A 161 -6.94 1.16 -16.97
C ASN A 161 -5.75 0.92 -17.90
N ASP A 162 -4.92 -0.06 -17.55
CA ASP A 162 -3.66 -0.23 -18.26
C ASP A 162 -3.02 1.15 -18.36
N MET A 163 -2.71 1.59 -19.57
CA MET A 163 -2.11 2.91 -19.73
C MET A 163 -3.04 4.11 -20.03
N THR A 164 -4.34 3.89 -19.94
CA THR A 164 -5.25 4.99 -20.14
C THR A 164 -5.85 5.49 -18.84
N ILE A 165 -6.63 6.56 -18.95
CA ILE A 165 -7.50 6.99 -17.87
C ILE A 165 -8.89 6.92 -18.46
N ASN A 166 -9.77 6.12 -17.86
CA ASN A 166 -11.12 5.92 -18.41
C ASN A 166 -11.11 5.52 -19.88
N ASN A 167 -10.10 4.77 -20.28
CA ASN A 167 -9.96 4.35 -21.67
C ASN A 167 -9.85 5.46 -22.70
N ARG A 168 -9.40 6.65 -22.30
CA ARG A 168 -9.30 7.75 -23.24
C ARG A 168 -7.95 7.82 -23.97
N PRO A 169 -7.92 8.48 -25.13
CA PRO A 169 -6.64 8.71 -25.78
C PRO A 169 -5.67 9.44 -24.84
N ALA A 170 -4.37 9.24 -25.03
CA ALA A 170 -3.39 9.93 -24.22
C ALA A 170 -3.55 11.44 -24.31
N HIS A 171 -3.27 12.13 -23.20
CA HIS A 171 -3.40 13.59 -23.06
C HIS A 171 -4.81 14.14 -23.30
N THR A 172 -5.84 13.30 -23.15
CA THR A 172 -7.23 13.77 -23.22
C THR A 172 -7.95 14.03 -21.87
N GLY A 173 -7.22 14.02 -20.76
CA GLY A 173 -7.89 14.16 -19.48
C GLY A 173 -8.38 12.82 -18.98
N PRO A 174 -9.57 12.79 -18.34
CA PRO A 174 -10.53 13.90 -18.27
C PRO A 174 -10.17 14.99 -17.27
N ASP A 175 -10.75 16.17 -17.51
CA ASP A 175 -10.65 17.29 -16.58
C ASP A 175 -11.95 17.42 -15.80
N PHE A 176 -11.86 17.83 -14.54
CA PHE A 176 -13.06 18.04 -13.73
C PHE A 176 -13.12 19.48 -13.21
N GLU A 177 -14.32 20.07 -13.20
CA GLU A 177 -14.48 21.44 -12.72
C GLU A 177 -15.01 21.51 -11.32
N ALA A 178 -14.42 22.41 -10.54
CA ALA A 178 -14.96 22.75 -9.23
C ALA A 178 -14.82 24.26 -9.00
N THR A 179 -15.48 24.72 -7.94
CA THR A 179 -15.33 26.10 -7.51
C THR A 179 -14.65 26.07 -6.16
N VAL A 180 -13.81 27.06 -5.88
CA VAL A 180 -13.08 27.02 -4.64
C VAL A 180 -14.07 26.85 -3.48
N GLY A 181 -13.83 25.83 -2.67
CA GLY A 181 -14.70 25.59 -1.54
C GLY A 181 -15.66 24.43 -1.70
N ASP A 182 -15.90 23.97 -2.92
CA ASP A 182 -16.73 22.78 -3.14
C ASP A 182 -16.14 21.58 -2.40
N ARG A 183 -17.01 20.74 -1.84
CA ARG A 183 -16.55 19.46 -1.32
C ARG A 183 -16.59 18.50 -2.49
N VAL A 184 -15.45 17.96 -2.87
CA VAL A 184 -15.39 17.21 -4.10
C VAL A 184 -14.91 15.80 -3.82
N GLU A 185 -15.57 14.82 -4.41
CA GLU A 185 -15.23 13.43 -4.14
C GLU A 185 -14.58 12.75 -5.34
N PHE A 186 -13.47 12.08 -5.10
CA PHE A 186 -12.87 11.27 -6.15
C PHE A 186 -12.93 9.79 -5.82
N VAL A 187 -13.39 9.00 -6.77
CA VAL A 187 -13.30 7.55 -6.68
C VAL A 187 -12.18 7.11 -7.64
N MET A 188 -11.26 6.30 -7.15
CA MET A 188 -10.08 5.95 -7.92
C MET A 188 -9.95 4.41 -8.02
N ILE A 189 -10.16 3.88 -9.23
CA ILE A 189 -10.07 2.44 -9.50
C ILE A 189 -8.84 2.22 -10.38
N THR A 190 -8.17 1.08 -10.21
CA THR A 190 -7.11 0.67 -11.12
C THR A 190 -7.43 -0.69 -11.77
N HIS A 191 -7.11 -0.84 -13.05
CA HIS A 191 -7.33 -2.10 -13.77
C HIS A 191 -6.17 -2.44 -14.72
N GLY A 192 -6.16 -3.68 -15.24
CA GLY A 192 -5.14 -4.08 -16.21
C GLY A 192 -3.87 -4.79 -15.76
N GLU A 193 -2.77 -4.58 -16.48
CA GLU A 193 -1.49 -5.21 -16.18
C GLU A 193 -0.56 -4.49 -15.21
N TYR A 194 -0.80 -3.21 -14.97
CA TYR A 194 0.27 -2.36 -14.43
C TYR A 194 -0.04 -1.75 -13.07
N TYR A 195 0.99 -1.58 -12.25
CA TYR A 195 0.89 -0.82 -11.02
C TYR A 195 0.96 0.68 -11.34
N HIS A 196 0.41 1.50 -10.46
CA HIS A 196 0.39 2.94 -10.68
C HIS A 196 0.56 3.69 -9.34
N THR A 197 0.89 4.98 -9.43
CA THR A 197 0.82 5.86 -8.27
C THR A 197 -0.01 7.08 -8.66
N PHE A 198 -1.16 7.24 -8.00
CA PHE A 198 -2.08 8.35 -8.23
C PHE A 198 -1.63 9.59 -7.47
N HIS A 199 -1.53 10.73 -8.16
CA HIS A 199 -1.05 11.96 -7.51
C HIS A 199 -1.86 13.18 -7.90
N LEU A 200 -2.18 13.99 -6.89
CA LEU A 200 -2.99 15.18 -7.06
C LEU A 200 -2.24 16.40 -6.52
N HIS A 201 -2.00 17.41 -7.37
CA HIS A 201 -1.37 18.65 -6.91
C HIS A 201 -2.28 19.41 -5.95
N GLY A 202 -1.66 20.19 -5.05
CA GLY A 202 -2.37 21.15 -4.21
C GLY A 202 -3.39 20.64 -3.22
N HIS A 203 -3.51 19.32 -3.06
CA HIS A 203 -4.48 18.72 -2.15
C HIS A 203 -3.93 17.48 -1.49
N ARG A 204 -4.57 17.05 -0.41
CA ARG A 204 -4.20 15.81 0.28
C ARG A 204 -5.41 15.14 0.93
N TRP A 205 -5.27 13.87 1.26
CA TRP A 205 -6.35 13.12 1.90
C TRP A 205 -5.76 12.10 2.86
N ALA A 206 -6.62 11.36 3.56
CA ALA A 206 -6.17 10.40 4.58
C ALA A 206 -6.23 9.01 4.00
N ASP A 207 -5.26 8.14 4.30
CA ASP A 207 -5.34 6.84 3.66
C ASP A 207 -6.11 5.97 4.64
N ASN A 208 -7.39 5.79 4.35
CA ASN A 208 -8.32 5.10 5.25
C ASN A 208 -9.63 4.91 4.53
N ARG A 209 -10.63 4.36 5.21
CA ARG A 209 -11.92 4.11 4.56
C ARG A 209 -12.58 5.30 3.82
N THR A 210 -12.77 6.43 4.48
CA THR A 210 -13.45 7.54 3.81
C THR A 210 -12.50 8.51 3.12
N GLY A 211 -11.21 8.35 3.35
CA GLY A 211 -10.25 9.27 2.79
C GLY A 211 -10.14 10.57 3.56
N MET A 212 -10.85 10.65 4.68
CA MET A 212 -10.79 11.80 5.56
C MET A 212 -10.56 11.36 7.00
N LEU A 213 -9.79 12.14 7.75
CA LEU A 213 -9.54 11.79 9.14
C LEU A 213 -10.82 11.86 9.94
N THR A 214 -11.10 10.83 10.72
CA THR A 214 -12.33 10.78 11.50
C THR A 214 -12.32 11.81 12.62
N GLY A 215 -11.12 12.13 13.10
CA GLY A 215 -10.90 13.10 14.17
C GLY A 215 -9.43 13.08 14.59
N PRO A 216 -9.12 13.65 15.76
CA PRO A 216 -7.71 13.69 16.18
C PRO A 216 -7.13 12.32 16.54
N ASP A 217 -8.00 11.35 16.82
CA ASP A 217 -7.62 9.98 17.14
C ASP A 217 -6.94 9.24 15.99
N ASP A 218 -7.20 9.68 14.77
CA ASP A 218 -6.89 8.90 13.59
C ASP A 218 -5.43 9.06 13.18
N PRO A 219 -4.65 7.98 13.35
CA PRO A 219 -3.22 7.78 13.04
C PRO A 219 -2.91 7.71 11.54
N SER A 220 -3.92 7.55 10.69
CA SER A 220 -3.73 7.32 9.26
C SER A 220 -2.79 8.34 8.60
N GLN A 221 -1.94 7.85 7.70
CA GLN A 221 -1.05 8.75 6.97
C GLN A 221 -1.85 9.72 6.12
N VAL A 222 -1.41 10.97 6.09
CA VAL A 222 -1.95 11.91 5.12
C VAL A 222 -1.02 11.98 3.89
N ILE A 223 -1.62 11.82 2.72
CA ILE A 223 -0.89 11.61 1.49
C ILE A 223 -1.49 12.41 0.35
N ASP A 224 -0.64 12.91 -0.54
CA ASP A 224 -1.07 13.28 -1.88
C ASP A 224 -0.73 12.24 -2.97
N ASN A 225 -0.15 11.11 -2.58
CA ASN A 225 0.38 10.12 -3.54
C ASN A 225 0.10 8.68 -3.10
N LYS A 226 -0.46 7.86 -3.98
CA LYS A 226 -0.82 6.50 -3.55
C LYS A 226 -0.54 5.44 -4.59
N ILE A 227 0.10 4.36 -4.17
CA ILE A 227 0.35 3.29 -5.13
C ILE A 227 -0.89 2.40 -5.20
N CYS A 228 -1.23 1.97 -6.41
CA CYS A 228 -2.39 1.13 -6.62
C CYS A 228 -2.14 0.14 -7.75
N GLY A 229 -2.58 -1.09 -7.54
CA GLY A 229 -2.55 -2.11 -8.56
C GLY A 229 -3.92 -2.46 -9.09
N PRO A 230 -3.97 -3.39 -10.04
CA PRO A 230 -5.21 -3.86 -10.65
C PRO A 230 -6.27 -4.32 -9.65
N ALA A 231 -7.48 -3.76 -9.84
CA ALA A 231 -8.68 -4.01 -9.03
C ALA A 231 -8.73 -3.27 -7.69
N ASP A 232 -7.66 -2.53 -7.39
CA ASP A 232 -7.67 -1.61 -6.23
C ASP A 232 -8.69 -0.49 -6.39
N SER A 233 -9.33 -0.12 -5.29
CA SER A 233 -10.26 0.98 -5.35
C SER A 233 -10.13 1.75 -4.06
N PHE A 234 -10.11 3.07 -4.16
CA PHE A 234 -10.18 3.90 -2.96
C PHE A 234 -10.79 5.25 -3.29
N GLY A 235 -11.20 5.99 -2.27
CA GLY A 235 -11.83 7.26 -2.53
C GLY A 235 -11.50 8.23 -1.44
N PHE A 236 -11.79 9.50 -1.68
CA PHE A 236 -11.59 10.52 -0.67
C PHE A 236 -12.37 11.76 -1.05
N GLN A 237 -12.34 12.78 -0.20
CA GLN A 237 -12.98 14.04 -0.51
C GLN A 237 -12.03 15.15 -0.13
N VAL A 238 -12.06 16.24 -0.89
CA VAL A 238 -11.24 17.39 -0.55
C VAL A 238 -12.11 18.63 -0.63
N ILE A 239 -11.68 19.68 0.06
CA ILE A 239 -12.30 20.98 -0.16
C ILE A 239 -11.50 21.67 -1.25
N ALA A 240 -12.14 21.93 -2.38
CA ALA A 240 -11.42 22.44 -3.53
C ALA A 240 -10.66 23.72 -3.19
N GLY A 241 -9.36 23.72 -3.51
CA GLY A 241 -8.52 24.90 -3.32
C GLY A 241 -8.28 25.26 -1.87
N GLU A 242 -8.64 24.36 -0.96
CA GLU A 242 -8.53 24.66 0.46
C GLU A 242 -7.09 25.03 0.78
N GLY A 243 -6.91 26.19 1.40
CA GLY A 243 -5.60 26.67 1.82
C GLY A 243 -4.58 26.89 0.70
N VAL A 244 -5.07 26.81 -0.53
CA VAL A 244 -4.23 26.80 -1.72
C VAL A 244 -4.71 27.85 -2.73
N GLY A 245 -5.99 27.76 -3.08
CA GLY A 245 -6.67 28.74 -3.90
C GLY A 245 -7.01 28.22 -5.27
N ALA A 246 -7.57 29.08 -6.11
CA ALA A 246 -7.96 28.64 -7.44
C ALA A 246 -6.74 28.27 -8.24
N GLY A 247 -6.93 27.40 -9.24
CA GLY A 247 -5.88 27.08 -10.18
C GLY A 247 -6.27 25.89 -11.02
N ALA A 248 -5.43 25.53 -12.00
CA ALA A 248 -5.66 24.27 -12.66
C ALA A 248 -4.68 23.31 -12.03
N TRP A 249 -5.21 22.45 -11.17
CA TRP A 249 -4.41 21.59 -10.31
C TRP A 249 -4.26 20.24 -10.97
N MET A 250 -3.02 19.91 -11.35
CA MET A 250 -2.77 18.65 -12.02
C MET A 250 -3.11 17.46 -11.14
N TYR A 251 -3.70 16.42 -11.74
CA TYR A 251 -3.62 15.09 -11.16
C TYR A 251 -3.00 14.22 -12.24
N HIS A 252 -2.28 13.18 -11.83
CA HIS A 252 -1.68 12.30 -12.82
C HIS A 252 -1.01 11.13 -12.15
N CYS A 253 -0.73 10.08 -12.91
CA CYS A 253 0.02 8.98 -12.37
C CYS A 253 1.44 9.52 -12.29
N HIS A 254 2.14 9.16 -11.23
CA HIS A 254 3.47 9.70 -11.03
C HIS A 254 4.57 8.75 -11.51
N VAL A 255 4.20 7.60 -12.07
CA VAL A 255 5.22 6.81 -12.74
C VAL A 255 5.65 7.68 -13.92
N GLN A 256 6.95 7.97 -14.01
CA GLN A 256 7.38 9.01 -14.93
C GLN A 256 6.97 8.76 -16.38
N SER A 257 7.18 7.54 -16.88
CA SER A 257 6.86 7.30 -18.28
C SER A 257 5.36 7.40 -18.52
N HIS A 258 4.56 7.02 -17.52
CA HIS A 258 3.11 7.16 -17.62
C HIS A 258 2.62 8.61 -17.70
N SER A 259 3.19 9.50 -16.90
CA SER A 259 2.76 10.88 -16.97
C SER A 259 3.30 11.51 -18.24
N ASP A 260 4.49 11.08 -18.64
CA ASP A 260 5.08 11.61 -19.86
C ASP A 260 4.22 11.25 -21.06
N MET A 261 3.65 10.05 -21.04
CA MET A 261 2.90 9.56 -22.20
C MET A 261 1.45 10.02 -22.10
N GLY A 262 1.15 10.81 -21.09
CA GLY A 262 -0.17 11.38 -21.00
C GLY A 262 -1.21 10.88 -20.02
N MET A 263 -0.89 10.13 -18.96
CA MET A 263 -2.01 9.88 -18.09
C MET A 263 -1.96 11.04 -17.12
N VAL A 264 -2.80 12.02 -17.41
CA VAL A 264 -2.78 13.32 -16.76
C VAL A 264 -4.16 13.92 -16.93
N GLY A 265 -4.55 14.78 -16.00
CA GLY A 265 -5.85 15.42 -16.09
C GLY A 265 -5.75 16.69 -15.31
N LEU A 266 -6.82 17.47 -15.29
CA LEU A 266 -6.85 18.68 -14.48
C LEU A 266 -8.02 18.66 -13.52
N PHE A 267 -7.75 19.11 -12.30
CA PHE A 267 -8.83 19.45 -11.38
C PHE A 267 -8.85 20.96 -11.50
N LEU A 268 -9.85 21.50 -12.19
CA LEU A 268 -9.87 22.94 -12.46
C LEU A 268 -10.69 23.64 -11.41
N VAL A 269 -10.02 24.41 -10.56
CA VAL A 269 -10.74 25.02 -9.46
C VAL A 269 -10.91 26.51 -9.75
N LYS A 270 -12.14 26.89 -10.07
CA LYS A 270 -12.46 28.28 -10.37
C LYS A 270 -12.68 29.13 -9.13
N LYS A 271 -12.47 30.43 -9.30
CA LYS A 271 -12.92 31.41 -8.32
C LYS A 271 -14.43 31.50 -8.42
N PRO A 272 -15.06 32.17 -7.44
CA PRO A 272 -16.50 32.45 -7.52
C PRO A 272 -16.89 33.09 -8.85
N ASP A 273 -16.05 33.97 -9.39
CA ASP A 273 -16.36 34.63 -10.67
C ASP A 273 -16.21 33.69 -11.89
N GLY A 274 -15.68 32.51 -11.67
CA GLY A 274 -15.58 31.51 -12.71
C GLY A 274 -14.26 31.49 -13.47
N THR A 275 -13.38 32.45 -13.17
CA THR A 275 -12.03 32.50 -13.75
C THR A 275 -11.04 31.59 -13.04
N ILE A 276 -10.05 31.10 -13.78
CA ILE A 276 -8.96 30.38 -13.18
C ILE A 276 -7.65 31.12 -13.39
N PRO A 277 -7.01 31.56 -12.30
CA PRO A 277 -5.78 32.36 -12.42
C PRO A 277 -4.71 31.66 -13.28
N GLY A 278 -4.18 32.38 -14.27
CA GLY A 278 -3.13 31.85 -15.12
C GLY A 278 -3.45 30.55 -15.85
N TYR A 279 -4.56 30.53 -16.59
CA TYR A 279 -4.97 29.35 -17.34
C TYR A 279 -5.88 29.71 -18.52
N GLY B 2 16.26 10.98 29.64
CA GLY B 2 14.96 11.13 30.29
C GLY B 2 13.81 10.97 29.31
N PRO B 3 12.71 11.73 29.53
CA PRO B 3 11.51 11.76 28.67
C PRO B 3 11.81 12.25 27.25
N ALA B 4 11.03 11.78 26.27
CA ALA B 4 11.26 12.11 24.86
C ALA B 4 11.15 13.59 24.54
N LYS B 5 12.05 14.11 23.71
CA LYS B 5 11.92 15.49 23.23
C LYS B 5 10.83 15.59 22.19
N THR B 6 10.03 16.65 22.24
CA THR B 6 8.92 16.80 21.30
C THR B 6 8.96 18.11 20.53
N ALA B 7 8.27 18.15 19.39
CA ALA B 7 8.20 19.35 18.58
C ALA B 7 7.41 20.45 19.28
N PRO B 8 7.89 21.70 19.16
CA PRO B 8 7.20 22.90 19.62
C PRO B 8 6.09 23.24 18.64
N ALA B 9 5.17 24.10 19.03
CA ALA B 9 4.18 24.64 18.11
C ALA B 9 4.89 25.47 17.03
N GLY B 10 4.35 25.44 15.82
CA GLY B 10 4.91 26.21 14.71
C GLY B 10 4.21 27.53 14.58
N GLY B 11 4.21 28.08 13.37
CA GLY B 11 3.63 29.39 13.11
C GLY B 11 4.65 30.49 12.83
N GLU B 12 5.93 30.14 12.80
CA GLU B 12 6.98 31.10 12.44
C GLU B 12 7.19 31.23 10.93
N VAL B 13 7.55 32.42 10.49
CA VAL B 13 7.87 32.66 9.09
C VAL B 13 9.37 32.49 8.86
N LYS B 14 9.75 31.46 8.10
CA LYS B 14 11.17 31.11 7.94
C LYS B 14 11.68 31.29 6.50
N ARG B 15 12.96 31.64 6.35
CA ARG B 15 13.52 31.79 5.01
C ARG B 15 14.79 30.98 4.80
N ILE B 16 14.95 30.42 3.61
CA ILE B 16 16.22 29.78 3.25
C ILE B 16 16.58 30.16 1.82
N LYS B 17 17.86 30.08 1.51
CA LYS B 17 18.30 30.15 0.13
C LYS B 17 18.41 28.73 -0.38
N LEU B 18 18.07 28.53 -1.65
CA LEU B 18 18.20 27.22 -2.29
C LEU B 18 18.63 27.35 -3.75
N TYR B 19 19.60 26.54 -4.17
CA TYR B 19 20.12 26.63 -5.53
C TYR B 19 19.95 25.32 -6.25
N ALA B 20 19.75 25.37 -7.56
CA ALA B 20 19.87 24.17 -8.38
C ALA B 20 21.18 24.30 -9.14
N GLU B 21 22.04 23.29 -9.05
CA GLU B 21 23.26 23.34 -9.83
C GLU B 21 23.67 21.98 -10.38
N ARG B 22 24.49 22.00 -11.41
CA ARG B 22 24.97 20.77 -12.01
C ARG B 22 26.04 20.16 -11.14
N LEU B 23 26.09 18.84 -11.13
CA LEU B 23 27.17 18.12 -10.47
C LEU B 23 27.87 17.30 -11.55
N GLY B 24 28.86 16.50 -11.18
CA GLY B 24 29.55 15.70 -12.16
C GLY B 24 28.62 14.76 -12.91
N GLY B 25 29.11 14.21 -14.02
CA GLY B 25 28.45 13.09 -14.68
C GLY B 25 27.02 13.31 -15.11
N GLY B 26 26.69 14.56 -15.46
CA GLY B 26 25.38 14.86 -16.02
C GLY B 26 24.30 14.84 -14.96
N GLN B 27 24.72 15.08 -13.72
CA GLN B 27 23.83 15.00 -12.59
C GLN B 27 23.47 16.37 -12.07
N MET B 28 22.28 16.47 -11.50
CA MET B 28 21.81 17.73 -10.96
C MET B 28 21.32 17.57 -9.52
N GLY B 29 21.56 18.59 -8.70
CA GLY B 29 21.09 18.55 -7.33
C GLY B 29 20.73 19.92 -6.78
N TYR B 30 20.14 19.94 -5.60
CA TYR B 30 19.82 21.18 -4.94
C TYR B 30 20.80 21.40 -3.79
N GLY B 31 21.07 22.67 -3.46
CA GLY B 31 21.95 22.98 -2.35
C GLY B 31 21.52 24.22 -1.61
N LEU B 32 22.06 24.40 -0.40
CA LEU B 32 21.77 25.55 0.43
C LEU B 32 22.77 26.67 0.14
N GLU B 33 23.84 26.32 -0.58
CA GLU B 33 24.85 27.29 -1.00
C GLU B 33 25.46 26.86 -2.33
N LYS B 34 25.85 27.82 -3.17
CA LYS B 34 26.51 27.49 -4.43
C LYS B 34 27.72 26.61 -4.17
N GLY B 35 27.89 25.57 -4.99
CA GLY B 35 28.95 24.61 -4.78
C GLY B 35 28.68 23.63 -3.65
N LYS B 36 27.55 23.78 -2.97
CA LYS B 36 27.15 22.87 -1.91
C LYS B 36 26.07 21.81 -2.22
N ALA B 37 25.58 21.72 -3.47
CA ALA B 37 24.48 20.81 -3.81
C ALA B 37 24.71 19.32 -3.51
N THR B 38 23.65 18.60 -3.15
CA THR B 38 23.73 17.18 -2.83
C THR B 38 22.59 16.38 -3.45
N ILE B 39 22.80 15.08 -3.61
CA ILE B 39 21.72 14.15 -3.91
C ILE B 39 21.66 13.12 -2.82
N PRO B 40 20.55 13.07 -2.09
CA PRO B 40 19.41 13.98 -2.24
C PRO B 40 19.70 15.39 -1.76
N GLY B 41 18.74 16.29 -1.94
CA GLY B 41 18.90 17.68 -1.57
C GLY B 41 18.89 17.91 -0.07
N PRO B 42 19.03 19.18 0.35
CA PRO B 42 19.01 19.46 1.78
C PRO B 42 17.65 19.10 2.42
N LEU B 43 17.70 18.54 3.62
CA LEU B 43 16.48 18.20 4.33
C LEU B 43 15.82 19.46 4.88
N ILE B 44 14.53 19.60 4.63
CA ILE B 44 13.79 20.73 5.18
C ILE B 44 12.76 20.28 6.22
N GLU B 45 12.82 20.88 7.41
CA GLU B 45 11.93 20.55 8.52
C GLU B 45 11.06 21.74 8.88
N LEU B 46 9.76 21.52 9.03
CA LEU B 46 8.89 22.59 9.52
C LEU B 46 7.89 22.11 10.56
N ASN B 47 7.58 22.98 11.50
CA ASN B 47 6.49 22.75 12.45
C ASN B 47 5.17 23.23 11.86
N GLU B 48 4.10 22.45 12.03
CA GLU B 48 2.80 22.85 11.49
C GLU B 48 2.45 24.28 11.87
N GLY B 49 2.09 25.09 10.87
CA GLY B 49 1.88 26.51 11.04
C GLY B 49 3.02 27.35 10.45
N ASP B 50 4.19 26.74 10.31
CA ASP B 50 5.32 27.44 9.72
C ASP B 50 5.00 27.84 8.27
N THR B 51 5.53 28.99 7.87
CA THR B 51 5.52 29.38 6.48
C THR B 51 6.98 29.40 6.09
N LEU B 52 7.31 28.92 4.90
CA LEU B 52 8.69 28.97 4.43
C LEU B 52 8.81 29.67 3.08
N HIS B 53 9.59 30.74 3.02
CA HIS B 53 9.89 31.38 1.77
C HIS B 53 11.22 30.86 1.28
N ILE B 54 11.25 30.40 0.04
CA ILE B 54 12.49 29.89 -0.53
C ILE B 54 13.05 30.83 -1.59
N GLU B 55 14.25 31.35 -1.36
CA GLU B 55 14.83 32.23 -2.37
C GLU B 55 15.60 31.33 -3.27
N PHE B 56 15.06 31.13 -4.47
CA PHE B 56 15.52 30.07 -5.35
C PHE B 56 16.32 30.66 -6.50
N GLU B 57 17.51 30.12 -6.71
CA GLU B 57 18.30 30.48 -7.86
C GLU B 57 18.59 29.27 -8.75
N ASN B 58 18.30 29.40 -10.04
CA ASN B 58 18.69 28.39 -10.99
C ASN B 58 20.05 28.73 -11.58
N THR B 59 21.02 27.91 -11.21
CA THR B 59 22.41 28.11 -11.59
C THR B 59 22.68 27.52 -12.96
N MET B 60 21.74 26.69 -13.43
CA MET B 60 22.00 25.86 -14.60
C MET B 60 21.65 26.55 -15.91
N ASP B 61 21.98 25.88 -17.02
CA ASP B 61 21.79 26.44 -18.35
C ASP B 61 20.44 26.04 -18.94
N VAL B 62 19.60 25.40 -18.11
CA VAL B 62 18.30 24.90 -18.54
C VAL B 62 17.27 25.18 -17.45
N PRO B 63 16.02 25.49 -17.84
CA PRO B 63 14.93 25.75 -16.87
C PRO B 63 14.77 24.61 -15.87
N VAL B 64 14.51 24.98 -14.62
CA VAL B 64 14.29 24.01 -13.58
C VAL B 64 13.11 24.47 -12.74
N SER B 65 12.57 23.59 -11.89
CA SER B 65 11.51 24.00 -10.97
C SER B 65 11.59 23.30 -9.64
N LEU B 66 10.82 23.81 -8.68
CA LEU B 66 10.74 23.20 -7.36
C LEU B 66 9.27 22.99 -7.05
N HIS B 67 8.87 21.73 -6.97
CA HIS B 67 7.51 21.34 -6.69
C HIS B 67 7.51 20.42 -5.49
N VAL B 68 6.62 20.67 -4.55
CA VAL B 68 6.64 19.98 -3.25
C VAL B 68 5.35 19.21 -3.02
N HIS B 69 5.44 18.11 -2.27
CA HIS B 69 4.26 17.31 -1.96
C HIS B 69 3.71 17.65 -0.58
N GLY B 70 2.39 17.66 -0.46
CA GLY B 70 1.68 17.66 0.81
C GLY B 70 1.51 19.01 1.47
N LEU B 71 2.47 19.90 1.25
CA LEU B 71 2.47 21.23 1.86
C LEU B 71 1.49 22.17 1.14
N ASP B 72 1.10 23.25 1.79
CA ASP B 72 0.23 24.24 1.11
C ASP B 72 1.06 25.18 0.27
N TYR B 73 0.68 25.33 -0.99
CA TYR B 73 1.31 26.33 -1.85
C TYR B 73 0.27 26.83 -2.83
N GLU B 74 0.41 28.08 -3.26
CA GLU B 74 -0.52 28.60 -4.26
C GLU B 74 -0.09 28.09 -5.62
N ILE B 75 -0.88 28.38 -6.65
CA ILE B 75 -0.61 27.82 -7.96
C ILE B 75 0.69 28.39 -8.52
N SER B 76 1.07 29.56 -8.04
CA SER B 76 2.28 30.23 -8.47
C SER B 76 3.54 29.61 -7.84
N SER B 77 3.37 28.77 -6.83
CA SER B 77 4.46 27.91 -6.33
C SER B 77 4.41 26.46 -6.76
N ASP B 78 3.52 26.15 -7.69
CA ASP B 78 3.37 24.76 -8.15
C ASP B 78 4.68 24.20 -8.74
N GLY B 79 5.45 25.05 -9.39
CA GLY B 79 6.72 24.64 -9.95
C GLY B 79 6.54 23.86 -11.23
N THR B 80 5.61 24.34 -12.05
CA THR B 80 5.32 23.67 -13.32
C THR B 80 5.40 24.66 -14.48
N LYS B 81 5.62 24.13 -15.68
CA LYS B 81 5.67 24.95 -16.88
C LYS B 81 4.32 25.65 -17.09
N GLN B 82 3.24 24.88 -16.98
CA GLN B 82 1.91 25.38 -17.30
C GLN B 82 1.45 26.48 -16.35
N SER B 83 1.95 26.43 -15.11
CA SER B 83 1.65 27.43 -14.10
C SER B 83 2.65 28.58 -14.14
N ARG B 84 3.57 28.54 -15.12
CA ARG B 84 4.56 29.58 -15.27
C ARG B 84 5.42 29.76 -14.01
N SER B 85 5.53 28.70 -13.22
CA SER B 85 6.33 28.74 -12.00
C SER B 85 7.72 28.12 -12.07
N ASP B 86 8.20 27.75 -13.24
CA ASP B 86 9.59 27.28 -13.34
C ASP B 86 10.54 28.47 -13.28
N VAL B 87 11.84 28.19 -13.30
CA VAL B 87 12.84 29.26 -13.15
C VAL B 87 13.88 29.19 -14.24
N GLU B 88 14.02 30.27 -14.99
CA GLU B 88 14.90 30.24 -16.16
C GLU B 88 16.38 30.14 -15.80
N PRO B 89 17.20 29.77 -16.77
CA PRO B 89 18.66 29.73 -16.58
C PRO B 89 19.19 31.03 -15.99
N GLY B 90 20.03 30.91 -14.96
CA GLY B 90 20.59 32.05 -14.27
C GLY B 90 19.57 32.86 -13.50
N GLY B 91 18.33 32.39 -13.44
CA GLY B 91 17.25 33.16 -12.83
C GLY B 91 17.00 32.90 -11.35
N THR B 92 16.10 33.70 -10.77
CA THR B 92 15.68 33.51 -9.39
C THR B 92 14.17 33.71 -9.27
N ARG B 93 13.59 33.07 -8.28
CA ARG B 93 12.18 33.22 -7.98
C ARG B 93 12.02 32.93 -6.50
N THR B 94 11.01 33.51 -5.86
CA THR B 94 10.78 33.11 -4.47
C THR B 94 9.57 32.17 -4.32
N TYR B 95 9.87 30.89 -4.08
CA TYR B 95 8.82 29.90 -3.85
C TYR B 95 8.36 30.02 -2.42
N THR B 96 7.05 29.90 -2.21
CA THR B 96 6.49 29.95 -0.86
C THR B 96 5.71 28.69 -0.49
N TRP B 97 6.13 28.02 0.57
CA TRP B 97 5.40 26.86 1.09
C TRP B 97 4.73 27.28 2.38
N ARG B 98 3.46 26.96 2.55
CA ARG B 98 2.83 27.19 3.83
C ARG B 98 2.43 25.88 4.47
N THR B 99 1.96 25.97 5.71
CA THR B 99 1.69 24.79 6.50
C THR B 99 0.60 25.08 7.52
N HIS B 100 -0.25 24.10 7.84
CA HIS B 100 -1.37 24.32 8.77
C HIS B 100 -1.54 23.20 9.80
N VAL B 101 -2.17 23.51 10.94
CA VAL B 101 -2.51 22.52 11.95
C VAL B 101 -3.90 21.96 11.67
N PRO B 102 -4.20 20.75 12.18
CA PRO B 102 -5.55 20.16 12.06
C PRO B 102 -6.59 20.96 12.84
N GLY B 103 -7.86 20.72 12.59
CA GLY B 103 -8.92 21.45 13.31
C GLY B 103 -10.30 21.24 12.70
N ARG B 104 -11.34 21.60 13.46
CA ARG B 104 -12.70 21.43 12.96
C ARG B 104 -13.02 22.42 11.84
N ARG B 105 -13.54 21.91 10.72
CA ARG B 105 -14.06 22.76 9.67
C ARG B 105 -15.44 23.27 10.08
N ALA B 106 -15.87 24.39 9.49
CA ALA B 106 -17.22 24.87 9.76
C ALA B 106 -18.28 23.79 9.45
N ASP B 107 -18.02 22.95 8.45
CA ASP B 107 -18.96 21.88 8.12
C ASP B 107 -18.96 20.74 9.15
N GLY B 108 -18.04 20.83 10.11
CA GLY B 108 -18.06 19.90 11.22
C GLY B 108 -17.09 18.76 11.03
N THR B 109 -16.40 18.74 9.89
CA THR B 109 -15.43 17.70 9.67
C THR B 109 -14.08 18.08 10.29
N TRP B 110 -13.15 17.14 10.27
CA TRP B 110 -11.83 17.33 10.83
C TRP B 110 -10.83 17.53 9.67
N ARG B 111 -10.28 18.74 9.57
CA ARG B 111 -9.31 19.07 8.53
C ARG B 111 -7.92 18.54 8.89
N ALA B 112 -7.35 17.69 8.04
CA ALA B 112 -6.03 17.11 8.31
C ALA B 112 -4.94 18.17 8.28
N GLY B 113 -4.00 18.06 9.20
CA GLY B 113 -2.88 18.97 9.21
C GLY B 113 -1.91 18.68 8.07
N SER B 114 -0.87 19.51 7.97
CA SER B 114 0.16 19.33 6.97
C SER B 114 1.16 18.25 7.36
N ALA B 115 1.21 17.88 8.64
CA ALA B 115 2.32 17.08 9.15
C ALA B 115 2.55 15.76 8.39
N GLY B 116 3.81 15.40 8.19
CA GLY B 116 4.13 14.14 7.56
C GLY B 116 5.49 14.06 6.91
N TYR B 117 5.75 12.91 6.29
CA TYR B 117 6.98 12.73 5.53
C TYR B 117 6.72 13.06 4.06
N TRP B 118 7.34 14.14 3.60
CA TRP B 118 7.07 14.61 2.25
C TRP B 118 8.37 14.76 1.48
N HIS B 119 8.25 15.36 0.30
CA HIS B 119 9.41 15.58 -0.52
C HIS B 119 9.15 16.68 -1.56
N TYR B 120 10.24 17.23 -2.10
CA TYR B 120 10.21 18.21 -3.17
C TYR B 120 11.09 17.72 -4.31
N HIS B 121 10.80 18.14 -5.54
CA HIS B 121 11.64 17.75 -6.69
C HIS B 121 11.32 18.57 -7.93
N ASP B 122 12.06 18.31 -9.00
CA ASP B 122 11.91 19.04 -10.25
C ASP B 122 10.71 18.54 -11.09
N HIS B 123 9.91 19.49 -11.57
CA HIS B 123 8.77 19.19 -12.43
C HIS B 123 8.95 19.51 -13.93
N VAL B 124 10.14 19.94 -14.29
CA VAL B 124 10.40 20.68 -15.53
C VAL B 124 11.53 20.15 -16.45
N VAL B 125 12.66 19.81 -15.86
CA VAL B 125 13.81 19.34 -16.64
C VAL B 125 13.55 18.07 -17.44
N GLY B 126 13.72 18.18 -18.75
CA GLY B 126 13.63 17.11 -19.71
C GLY B 126 12.24 16.81 -20.25
N THR B 127 11.22 16.96 -19.39
CA THR B 127 9.83 16.83 -19.82
C THR B 127 9.00 17.61 -18.81
N GLU B 128 7.70 17.76 -19.04
CA GLU B 128 6.95 18.58 -18.12
C GLU B 128 6.52 17.82 -16.86
N HIS B 129 6.97 16.58 -16.76
CA HIS B 129 6.98 15.89 -15.49
C HIS B 129 8.32 15.78 -14.75
N GLY B 130 9.33 16.44 -15.30
CA GLY B 130 10.64 16.50 -14.66
C GLY B 130 11.36 15.18 -14.74
N THR B 131 11.01 14.37 -15.72
CA THR B 131 11.65 13.06 -15.83
C THR B 131 13.17 13.18 -15.81
N GLY B 132 13.72 14.00 -16.70
CA GLY B 132 15.16 14.22 -16.72
C GLY B 132 15.71 14.73 -15.40
N GLY B 133 15.06 15.74 -14.83
CA GLY B 133 15.49 16.30 -13.56
C GLY B 133 15.53 15.28 -12.42
N ILE B 134 14.40 14.63 -12.18
CA ILE B 134 14.33 13.57 -11.18
C ILE B 134 15.41 12.50 -11.46
N ARG B 135 15.53 12.07 -12.69
CA ARG B 135 16.57 11.11 -13.02
C ARG B 135 17.98 11.63 -12.68
N ASN B 136 18.22 12.92 -12.88
CA ASN B 136 19.55 13.49 -12.63
C ASN B 136 19.87 13.73 -11.16
N GLY B 137 18.86 13.57 -10.31
CA GLY B 137 19.01 13.80 -8.90
C GLY B 137 18.34 15.00 -8.26
N LEU B 138 17.42 15.69 -8.93
CA LEU B 138 16.83 16.83 -8.25
C LEU B 138 15.61 16.38 -7.47
N TYR B 139 15.83 16.06 -6.20
CA TYR B 139 14.78 15.72 -5.27
C TYR B 139 15.34 15.84 -3.85
N GLY B 140 14.46 16.03 -2.87
CA GLY B 140 14.89 16.16 -1.49
C GLY B 140 13.73 15.99 -0.51
N PRO B 141 14.03 15.59 0.73
CA PRO B 141 13.01 15.32 1.74
C PRO B 141 12.47 16.58 2.42
N VAL B 142 11.23 16.53 2.86
CA VAL B 142 10.62 17.60 3.62
C VAL B 142 9.87 16.97 4.75
N ILE B 143 10.15 17.39 5.97
CA ILE B 143 9.41 16.91 7.12
C ILE B 143 8.60 18.01 7.77
N VAL B 144 7.31 17.79 7.92
CA VAL B 144 6.47 18.70 8.66
C VAL B 144 6.06 18.00 9.95
N ARG B 145 6.34 18.64 11.08
CA ARG B 145 6.07 18.04 12.37
C ARG B 145 4.89 18.72 13.06
N ARG B 146 4.09 17.89 13.77
CA ARG B 146 2.94 18.35 14.53
C ARG B 146 3.37 18.60 15.97
N LYS B 147 2.79 19.60 16.63
CA LYS B 147 3.19 19.89 17.99
C LYS B 147 3.05 18.64 18.85
N GLY B 148 4.15 18.22 19.46
CA GLY B 148 4.12 17.08 20.36
C GLY B 148 4.73 15.83 19.73
N ASP B 149 4.98 15.90 18.43
CA ASP B 149 5.64 14.82 17.73
C ASP B 149 7.01 14.56 18.37
N VAL B 150 7.34 13.27 18.52
CA VAL B 150 8.63 12.85 19.07
C VAL B 150 9.80 13.17 18.13
N LEU B 151 10.80 13.89 18.64
CA LEU B 151 11.99 14.25 17.86
C LEU B 151 13.09 13.19 17.96
N PRO B 152 13.78 12.93 16.84
CA PRO B 152 14.79 11.87 16.87
C PRO B 152 16.19 12.40 17.21
N ASP B 153 17.14 11.48 17.36
CA ASP B 153 18.53 11.82 17.61
C ASP B 153 19.20 12.22 16.31
N ARG B 154 18.80 11.57 15.22
CA ARG B 154 19.37 11.83 13.92
C ARG B 154 18.37 11.42 12.82
N THR B 155 18.49 12.01 11.63
CA THR B 155 17.56 11.71 10.52
C THR B 155 18.31 11.30 9.25
N HIS B 156 17.81 10.28 8.56
CA HIS B 156 18.46 9.82 7.34
C HIS B 156 17.48 9.61 6.21
N THR B 157 17.87 10.01 5.01
CA THR B 157 17.01 9.91 3.84
C THR B 157 17.49 8.81 2.90
N ILE B 158 16.59 7.92 2.54
CA ILE B 158 16.88 6.85 1.62
C ILE B 158 15.94 7.02 0.44
N VAL B 159 16.51 7.28 -0.73
CA VAL B 159 15.69 7.49 -1.91
C VAL B 159 15.91 6.38 -2.93
N PHE B 160 14.82 5.72 -3.30
CA PHE B 160 14.87 4.77 -4.40
C PHE B 160 14.47 5.56 -5.64
N ASN B 161 15.46 5.88 -6.47
CA ASN B 161 15.25 6.61 -7.71
C ASN B 161 15.62 5.69 -8.83
N ASP B 162 14.62 5.24 -9.57
CA ASP B 162 14.85 4.16 -10.53
C ASP B 162 15.57 2.98 -9.86
N MET B 163 16.68 2.52 -10.44
CA MET B 163 17.40 1.36 -9.90
C MET B 163 18.46 1.71 -8.86
N THR B 164 18.50 2.95 -8.44
CA THR B 164 19.59 3.40 -7.57
C THR B 164 19.07 3.80 -6.20
N ILE B 165 19.99 3.87 -5.25
CA ILE B 165 19.70 4.57 -4.01
C ILE B 165 20.43 5.90 -4.05
N ASN B 166 19.69 6.99 -3.89
CA ASN B 166 20.27 8.33 -3.92
C ASN B 166 21.24 8.56 -5.10
N ASN B 167 20.91 7.97 -6.24
CA ASN B 167 21.75 8.10 -7.43
C ASN B 167 23.18 7.63 -7.24
N ARG B 168 23.44 6.81 -6.22
CA ARG B 168 24.77 6.25 -6.02
C ARG B 168 25.00 5.08 -6.97
N PRO B 169 26.28 4.77 -7.26
CA PRO B 169 26.53 3.56 -8.04
C PRO B 169 26.11 2.35 -7.24
N ALA B 170 25.78 1.24 -7.90
CA ALA B 170 25.34 0.04 -7.21
C ALA B 170 26.36 -0.43 -6.18
N HIS B 171 25.85 -0.92 -5.06
CA HIS B 171 26.66 -1.56 -4.01
C HIS B 171 27.34 -0.56 -3.08
N THR B 172 27.15 0.72 -3.36
CA THR B 172 27.82 1.80 -2.62
C THR B 172 27.01 2.38 -1.44
N GLY B 173 25.98 1.67 -1.02
CA GLY B 173 25.23 2.12 0.15
C GLY B 173 24.20 3.11 -0.32
N PRO B 174 23.99 4.20 0.43
CA PRO B 174 24.79 4.70 1.54
C PRO B 174 24.57 3.94 2.85
N ASP B 175 25.55 4.05 3.73
CA ASP B 175 25.47 3.45 5.05
C ASP B 175 25.26 4.53 6.10
N PHE B 176 24.51 4.21 7.16
CA PHE B 176 24.27 5.15 8.24
C PHE B 176 24.69 4.54 9.56
N GLU B 177 25.35 5.35 10.40
CA GLU B 177 25.82 4.86 11.69
C GLU B 177 24.98 5.36 12.86
N ALA B 178 24.86 4.51 13.88
CA ALA B 178 24.26 4.89 15.13
C ALA B 178 24.87 4.09 16.29
N THR B 179 24.44 4.40 17.50
CA THR B 179 24.84 3.65 18.68
C THR B 179 23.61 2.99 19.25
N VAL B 180 23.76 1.75 19.72
CA VAL B 180 22.61 1.03 20.24
C VAL B 180 21.82 1.95 21.19
N GLY B 181 20.52 2.06 20.97
CA GLY B 181 19.70 2.92 21.81
C GLY B 181 19.38 4.30 21.25
N ASP B 182 20.05 4.71 20.18
CA ASP B 182 19.74 5.99 19.54
C ASP B 182 18.34 5.96 18.94
N ARG B 183 17.69 7.13 18.91
CA ARG B 183 16.41 7.28 18.22
C ARG B 183 16.71 7.78 16.82
N VAL B 184 16.50 6.92 15.84
CA VAL B 184 16.87 7.24 14.48
C VAL B 184 15.64 7.34 13.58
N GLU B 185 15.52 8.47 12.88
CA GLU B 185 14.44 8.74 11.94
C GLU B 185 14.89 8.41 10.51
N PHE B 186 14.01 7.72 9.77
CA PHE B 186 14.26 7.40 8.38
C PHE B 186 13.17 7.97 7.48
N VAL B 187 13.59 8.69 6.44
CA VAL B 187 12.67 9.22 5.46
C VAL B 187 12.90 8.41 4.20
N MET B 188 11.87 7.71 3.73
CA MET B 188 11.99 6.93 2.51
C MET B 188 11.16 7.53 1.35
N ILE B 189 11.83 7.82 0.25
CA ILE B 189 11.16 8.41 -0.89
C ILE B 189 11.45 7.56 -2.12
N THR B 190 10.47 7.43 -3.01
CA THR B 190 10.71 6.73 -4.28
C THR B 190 10.47 7.61 -5.50
N HIS B 191 11.30 7.46 -6.52
CA HIS B 191 11.12 8.22 -7.75
C HIS B 191 11.37 7.39 -9.00
N GLY B 192 10.98 7.93 -10.15
CA GLY B 192 11.23 7.29 -11.42
C GLY B 192 10.21 6.30 -11.95
N GLU B 193 10.72 5.23 -12.54
CA GLU B 193 9.92 4.22 -13.21
C GLU B 193 9.33 3.06 -12.41
N TYR B 194 10.01 2.62 -11.35
CA TYR B 194 9.78 1.25 -10.84
C TYR B 194 9.09 1.19 -9.49
N TYR B 195 8.37 0.09 -9.23
CA TYR B 195 7.93 -0.18 -7.87
C TYR B 195 9.09 -0.85 -7.12
N HIS B 196 9.12 -0.69 -5.80
CA HIS B 196 10.14 -1.33 -4.97
C HIS B 196 9.48 -1.80 -3.67
N THR B 197 10.16 -2.64 -2.92
CA THR B 197 9.75 -2.87 -1.53
C THR B 197 10.94 -2.52 -0.67
N PHE B 198 10.72 -1.64 0.31
CA PHE B 198 11.77 -1.24 1.22
C PHE B 198 11.81 -2.17 2.41
N HIS B 199 13.00 -2.59 2.78
CA HIS B 199 13.11 -3.52 3.87
C HIS B 199 14.29 -3.27 4.78
N LEU B 200 14.07 -3.47 6.08
CA LEU B 200 15.08 -3.18 7.08
C LEU B 200 15.24 -4.33 8.05
N HIS B 201 16.44 -4.89 8.13
CA HIS B 201 16.72 -5.95 9.09
C HIS B 201 16.64 -5.49 10.54
N GLY B 202 16.19 -6.40 11.42
CA GLY B 202 16.24 -6.22 12.87
C GLY B 202 15.46 -5.06 13.44
N HIS B 203 14.58 -4.48 12.64
CA HIS B 203 13.74 -3.39 13.10
C HIS B 203 12.39 -3.46 12.46
N ARG B 204 11.45 -2.72 13.00
CA ARG B 204 10.10 -2.62 12.46
C ARG B 204 9.54 -1.24 12.81
N TRP B 205 8.50 -0.82 12.09
CA TRP B 205 7.79 0.41 12.42
C TRP B 205 6.31 0.20 12.22
N ALA B 206 5.51 1.21 12.55
CA ALA B 206 4.07 1.14 12.38
C ALA B 206 3.75 1.81 11.07
N ASP B 207 2.78 1.28 10.33
CA ASP B 207 2.47 1.86 9.03
C ASP B 207 1.39 2.92 9.24
N ASN B 208 1.86 4.15 9.40
CA ASN B 208 1.01 5.28 9.76
C ASN B 208 1.79 6.60 9.70
N ARG B 209 1.13 7.71 10.02
CA ARG B 209 1.72 9.02 9.83
C ARG B 209 3.11 9.16 10.39
N THR B 210 3.28 8.76 11.65
CA THR B 210 4.56 9.02 12.32
C THR B 210 5.57 7.89 12.23
N GLY B 211 5.12 6.71 11.81
CA GLY B 211 5.98 5.54 11.78
C GLY B 211 6.00 4.83 13.11
N MET B 212 5.32 5.41 14.10
CA MET B 212 5.20 4.84 15.45
C MET B 212 3.75 4.73 15.89
N LEU B 213 3.46 3.76 16.76
CA LEU B 213 2.11 3.60 17.30
C LEU B 213 1.77 4.70 18.29
N THR B 214 0.55 5.23 18.21
CA THR B 214 0.12 6.31 19.11
C THR B 214 -0.06 5.84 20.56
N GLY B 215 -0.16 4.53 20.76
CA GLY B 215 -0.45 3.94 22.05
C GLY B 215 -1.21 2.64 21.80
N PRO B 216 -1.72 2.02 22.87
CA PRO B 216 -2.33 0.68 22.81
C PRO B 216 -3.57 0.53 21.90
N ASP B 217 -4.20 1.62 21.47
CA ASP B 217 -5.40 1.52 20.64
C ASP B 217 -5.19 1.63 19.12
N ASP B 218 -3.96 1.92 18.71
CA ASP B 218 -3.64 2.14 17.30
C ASP B 218 -3.42 0.80 16.58
N PRO B 219 -4.36 0.44 15.71
CA PRO B 219 -4.54 -0.77 14.91
C PRO B 219 -3.55 -0.90 13.73
N SER B 220 -2.80 0.17 13.43
CA SER B 220 -1.92 0.17 12.26
C SER B 220 -1.09 -1.10 12.22
N GLN B 221 -0.92 -1.69 11.04
CA GLN B 221 -0.09 -2.87 10.95
C GLN B 221 1.39 -2.52 11.18
N VAL B 222 2.08 -3.39 11.91
CA VAL B 222 3.50 -3.23 12.18
C VAL B 222 4.27 -4.06 11.18
N ILE B 223 5.29 -3.45 10.57
CA ILE B 223 5.88 -3.98 9.35
C ILE B 223 7.38 -3.77 9.31
N ASP B 224 8.10 -4.74 8.78
CA ASP B 224 9.48 -4.48 8.36
C ASP B 224 9.69 -4.33 6.84
N ASN B 225 8.62 -4.39 6.07
CA ASN B 225 8.71 -4.42 4.61
C ASN B 225 7.61 -3.59 3.96
N LYS B 226 7.94 -2.71 3.03
CA LYS B 226 6.91 -1.81 2.47
C LYS B 226 7.00 -1.56 0.96
N ILE B 227 5.93 -1.86 0.24
CA ILE B 227 5.87 -1.61 -1.21
C ILE B 227 5.71 -0.11 -1.47
N CYS B 228 6.46 0.41 -2.45
CA CYS B 228 6.41 1.84 -2.75
C CYS B 228 6.69 2.10 -4.22
N GLY B 229 6.25 3.27 -4.67
CA GLY B 229 6.28 3.58 -6.08
C GLY B 229 6.60 5.03 -6.29
N PRO B 230 6.83 5.41 -7.54
CA PRO B 230 7.33 6.76 -7.79
C PRO B 230 6.48 7.84 -7.09
N ALA B 231 7.20 8.75 -6.42
CA ALA B 231 6.64 9.89 -5.67
C ALA B 231 6.01 9.52 -4.32
N ASP B 232 5.97 8.23 -3.99
CA ASP B 232 5.62 7.79 -2.63
C ASP B 232 6.63 8.28 -1.60
N SER B 233 6.15 8.69 -0.43
CA SER B 233 7.06 9.01 0.66
C SER B 233 6.48 8.59 1.99
N PHE B 234 7.33 8.05 2.84
CA PHE B 234 6.97 7.78 4.22
C PHE B 234 8.19 7.87 5.14
N GLY B 235 7.96 7.71 6.44
CA GLY B 235 9.02 7.85 7.42
C GLY B 235 8.68 7.11 8.70
N PHE B 236 9.63 7.07 9.62
CA PHE B 236 9.42 6.38 10.88
C PHE B 236 10.65 6.58 11.76
N GLN B 237 10.55 6.18 13.02
CA GLN B 237 11.69 6.20 13.92
C GLN B 237 11.87 4.84 14.54
N VAL B 238 13.12 4.41 14.69
CA VAL B 238 13.38 3.22 15.47
C VAL B 238 14.41 3.54 16.51
N ILE B 239 14.44 2.71 17.55
CA ILE B 239 15.48 2.80 18.55
C ILE B 239 16.53 1.82 18.13
N ALA B 240 17.70 2.33 17.77
CA ALA B 240 18.72 1.47 17.17
C ALA B 240 19.03 0.25 18.03
N GLY B 241 19.00 -0.92 17.40
CA GLY B 241 19.35 -2.15 18.05
C GLY B 241 18.33 -2.63 19.07
N GLU B 242 17.22 -1.93 19.21
CA GLU B 242 16.30 -2.25 20.31
C GLU B 242 15.82 -3.68 20.23
N GLY B 243 16.12 -4.44 21.27
CA GLY B 243 15.71 -5.83 21.39
C GLY B 243 16.57 -6.76 20.54
N VAL B 244 17.17 -6.20 19.50
CA VAL B 244 18.07 -6.97 18.63
C VAL B 244 19.55 -6.99 18.98
N GLY B 245 20.08 -5.88 19.49
CA GLY B 245 21.50 -5.77 19.73
C GLY B 245 22.27 -5.02 18.65
N ALA B 246 23.57 -4.83 18.88
CA ALA B 246 24.42 -4.14 17.91
C ALA B 246 24.68 -5.04 16.72
N GLY B 247 25.00 -4.42 15.59
CA GLY B 247 25.36 -5.16 14.39
C GLY B 247 25.27 -4.36 13.12
N ALA B 248 25.71 -4.94 12.02
CA ALA B 248 25.52 -4.29 10.73
C ALA B 248 24.19 -4.80 10.16
N TRP B 249 23.20 -3.92 10.18
CA TRP B 249 21.84 -4.28 9.81
C TRP B 249 21.52 -3.80 8.41
N MET B 250 21.20 -4.76 7.54
CA MET B 250 20.91 -4.45 6.15
C MET B 250 19.56 -3.79 5.98
N TYR B 251 19.52 -2.81 5.09
CA TYR B 251 18.29 -2.40 4.46
C TYR B 251 18.54 -2.57 2.97
N HIS B 252 17.52 -3.00 2.23
CA HIS B 252 17.65 -3.13 0.79
C HIS B 252 16.30 -3.19 0.14
N CYS B 253 16.23 -2.91 -1.15
CA CYS B 253 15.00 -3.18 -1.84
C CYS B 253 14.84 -4.68 -1.77
N HIS B 254 13.62 -5.15 -1.62
CA HIS B 254 13.46 -6.57 -1.52
C HIS B 254 13.06 -7.24 -2.84
N VAL B 255 12.81 -6.44 -3.88
CA VAL B 255 12.62 -7.01 -5.21
C VAL B 255 13.92 -7.75 -5.52
N GLN B 256 13.85 -9.06 -5.77
CA GLN B 256 15.08 -9.85 -5.80
C GLN B 256 16.17 -9.40 -6.79
N SER B 257 15.82 -9.11 -8.04
CA SER B 257 16.86 -8.65 -8.97
C SER B 257 17.46 -7.34 -8.48
N HIS B 258 16.69 -6.54 -7.76
CA HIS B 258 17.17 -5.26 -7.26
C HIS B 258 18.22 -5.44 -6.18
N SER B 259 17.93 -6.27 -5.20
CA SER B 259 18.88 -6.48 -4.13
C SER B 259 20.09 -7.16 -4.75
N ASP B 260 19.83 -8.09 -5.67
CA ASP B 260 20.91 -8.80 -6.33
C ASP B 260 21.82 -7.84 -7.10
N MET B 261 21.23 -6.74 -7.58
CA MET B 261 21.91 -5.82 -8.46
C MET B 261 22.51 -4.64 -7.69
N GLY B 262 22.42 -4.70 -6.37
CA GLY B 262 23.03 -3.69 -5.55
C GLY B 262 22.21 -2.59 -4.88
N MET B 263 20.88 -2.72 -4.78
CA MET B 263 20.18 -1.67 -4.07
C MET B 263 20.15 -2.12 -2.61
N VAL B 264 21.18 -1.71 -1.89
CA VAL B 264 21.48 -2.28 -0.58
C VAL B 264 22.26 -1.28 0.21
N GLY B 265 22.01 -1.28 1.52
CA GLY B 265 22.70 -0.38 2.42
C GLY B 265 22.90 -1.02 3.77
N LEU B 266 23.64 -0.32 4.63
CA LEU B 266 23.83 -0.79 5.99
C LEU B 266 23.36 0.24 7.01
N PHE B 267 22.63 -0.25 8.00
CA PHE B 267 22.34 0.53 9.18
C PHE B 267 23.35 -0.01 10.19
N LEU B 268 24.41 0.77 10.46
CA LEU B 268 25.51 0.27 11.27
C LEU B 268 25.34 0.64 12.71
N VAL B 269 24.99 -0.34 13.52
CA VAL B 269 24.62 -0.07 14.90
C VAL B 269 25.70 -0.50 15.88
N LYS B 270 26.28 0.49 16.55
CA LYS B 270 27.47 0.26 17.37
C LYS B 270 27.15 -0.01 18.82
N LYS B 271 27.96 -0.89 19.43
CA LYS B 271 28.00 -1.03 20.87
C LYS B 271 28.44 0.31 21.45
N PRO B 272 28.11 0.56 22.72
CA PRO B 272 28.45 1.82 23.37
C PRO B 272 29.93 2.20 23.21
N ASP B 273 30.80 1.21 23.06
CA ASP B 273 32.25 1.44 22.96
C ASP B 273 32.77 1.74 21.54
N GLY B 274 31.89 1.66 20.54
CA GLY B 274 32.27 1.93 19.17
C GLY B 274 32.48 0.71 18.28
N THR B 275 32.48 -0.49 18.88
CA THR B 275 32.61 -1.71 18.09
C THR B 275 31.28 -2.25 17.52
N ILE B 276 31.35 -2.79 16.32
CA ILE B 276 30.24 -3.56 15.74
C ILE B 276 30.64 -5.02 15.60
N PRO B 277 29.84 -5.91 16.20
CA PRO B 277 30.11 -7.35 16.14
C PRO B 277 30.00 -7.92 14.71
N GLY B 278 30.88 -8.87 14.39
CA GLY B 278 30.83 -9.58 13.11
C GLY B 278 31.14 -8.71 11.92
N TYR B 279 32.08 -7.78 12.10
CA TYR B 279 32.25 -6.68 11.16
C TYR B 279 33.42 -5.82 11.60
N PRO C 3 -18.17 -17.60 23.36
CA PRO C 3 -17.42 -18.08 22.20
C PRO C 3 -16.31 -17.13 21.82
N ALA C 4 -15.63 -17.38 20.69
CA ALA C 4 -14.40 -16.65 20.32
C ALA C 4 -13.24 -16.83 21.31
N LYS C 5 -12.60 -18.00 21.23
CA LYS C 5 -11.37 -18.29 21.95
C LYS C 5 -10.25 -17.29 21.59
N THR C 6 -9.48 -16.87 22.59
CA THR C 6 -8.43 -15.84 22.39
C THR C 6 -7.03 -16.30 22.76
N ALA C 7 -6.03 -15.63 22.21
CA ALA C 7 -4.65 -16.01 22.50
C ALA C 7 -4.33 -15.67 23.94
N PRO C 8 -3.67 -16.60 24.63
CA PRO C 8 -3.23 -16.40 26.00
C PRO C 8 -1.97 -15.55 26.03
N ALA C 9 -1.47 -15.26 27.23
CA ALA C 9 -0.24 -14.50 27.37
C ALA C 9 1.00 -15.34 27.02
N GLY C 10 1.99 -14.69 26.41
CA GLY C 10 3.19 -15.39 26.02
C GLY C 10 4.23 -15.38 27.12
N GLY C 11 5.48 -15.64 26.74
CA GLY C 11 6.59 -15.67 27.68
C GLY C 11 7.19 -17.03 27.92
N GLU C 12 6.69 -18.02 27.19
CA GLU C 12 7.22 -19.37 27.28
C GLU C 12 8.48 -19.51 26.43
N VAL C 13 9.43 -20.33 26.88
CA VAL C 13 10.58 -20.69 26.05
C VAL C 13 10.28 -21.97 25.29
N LYS C 14 10.27 -21.90 23.96
CA LYS C 14 9.89 -23.03 23.10
C LYS C 14 11.02 -23.52 22.17
N ARG C 15 10.98 -24.81 21.84
CA ARG C 15 12.00 -25.41 20.97
C ARG C 15 11.39 -26.23 19.83
N ILE C 16 11.96 -26.06 18.64
CA ILE C 16 11.67 -26.96 17.50
C ILE C 16 12.91 -27.25 16.67
N LYS C 17 12.88 -28.40 16.00
CA LYS C 17 13.90 -28.75 15.03
C LYS C 17 13.38 -28.36 13.66
N LEU C 18 14.28 -27.87 12.81
CA LEU C 18 13.91 -27.44 11.46
C LEU C 18 15.00 -27.86 10.48
N TYR C 19 14.57 -28.43 9.36
CA TYR C 19 15.47 -28.97 8.37
C TYR C 19 15.29 -28.31 7.02
N ALA C 20 16.41 -28.03 6.34
CA ALA C 20 16.37 -27.65 4.95
C ALA C 20 16.61 -28.92 4.13
N GLU C 21 15.82 -29.12 3.08
CA GLU C 21 16.07 -30.25 2.20
C GLU C 21 15.58 -30.10 0.76
N ARG C 22 16.26 -30.79 -0.15
CA ARG C 22 15.87 -30.81 -1.54
C ARG C 22 14.58 -31.60 -1.73
N LEU C 23 13.72 -31.07 -2.61
CA LEU C 23 12.49 -31.75 -3.01
C LEU C 23 12.60 -32.05 -4.50
N GLY C 24 11.54 -32.61 -5.08
CA GLY C 24 11.57 -32.90 -6.51
C GLY C 24 11.65 -31.66 -7.38
N GLY C 25 12.31 -31.80 -8.53
CA GLY C 25 12.25 -30.79 -9.57
C GLY C 25 13.13 -29.58 -9.36
N GLY C 26 14.13 -29.71 -8.49
CA GLY C 26 15.03 -28.61 -8.20
C GLY C 26 14.55 -27.71 -7.07
N GLN C 27 13.39 -28.04 -6.49
CA GLN C 27 12.83 -27.29 -5.37
C GLN C 27 13.53 -27.60 -4.03
N MET C 28 13.42 -26.67 -3.10
CA MET C 28 13.95 -26.85 -1.76
C MET C 28 12.87 -26.42 -0.76
N GLY C 29 12.91 -26.98 0.45
CA GLY C 29 11.96 -26.58 1.46
C GLY C 29 12.33 -26.89 2.89
N TYR C 30 11.75 -26.12 3.80
CA TYR C 30 11.89 -26.36 5.23
C TYR C 30 10.89 -27.41 5.68
N GLY C 31 11.27 -28.20 6.69
CA GLY C 31 10.42 -29.24 7.23
C GLY C 31 10.68 -29.47 8.70
N LEU C 32 9.70 -30.05 9.39
CA LEU C 32 9.85 -30.28 10.83
C LEU C 32 10.51 -31.62 11.12
N GLU C 33 10.67 -32.43 10.08
CA GLU C 33 11.36 -33.71 10.19
C GLU C 33 11.99 -34.07 8.84
N LYS C 34 13.12 -34.77 8.89
CA LYS C 34 13.75 -35.22 7.64
C LYS C 34 12.73 -35.94 6.77
N GLY C 35 12.65 -35.58 5.49
CA GLY C 35 11.69 -36.16 4.58
C GLY C 35 10.28 -35.57 4.62
N LYS C 36 10.01 -34.73 5.62
CA LYS C 36 8.69 -34.11 5.69
C LYS C 36 8.59 -32.66 5.19
N ALA C 37 9.65 -32.12 4.58
CA ALA C 37 9.62 -30.74 4.06
C ALA C 37 8.49 -30.39 3.09
N THR C 38 8.00 -29.16 3.20
CA THR C 38 6.88 -28.68 2.40
C THR C 38 7.07 -27.23 1.93
N ILE C 39 6.35 -26.88 0.88
CA ILE C 39 6.28 -25.51 0.38
C ILE C 39 4.84 -25.01 0.36
N PRO C 40 4.52 -23.99 1.15
CA PRO C 40 5.42 -23.32 2.10
C PRO C 40 5.85 -24.24 3.24
N GLY C 41 6.86 -23.82 3.98
CA GLY C 41 7.35 -24.56 5.14
C GLY C 41 6.37 -24.50 6.30
N PRO C 42 6.69 -25.24 7.37
CA PRO C 42 5.78 -25.37 8.51
C PRO C 42 5.34 -24.01 9.05
N LEU C 43 4.07 -23.89 9.44
CA LEU C 43 3.61 -22.69 10.10
C LEU C 43 4.22 -22.63 11.50
N ILE C 44 4.78 -21.48 11.85
CA ILE C 44 5.29 -21.27 13.20
C ILE C 44 4.45 -20.20 13.90
N GLU C 45 3.90 -20.56 15.05
CA GLU C 45 3.02 -19.67 15.79
C GLU C 45 3.62 -19.39 17.19
N LEU C 46 3.68 -18.12 17.59
CA LEU C 46 4.18 -17.75 18.91
C LEU C 46 3.28 -16.73 19.59
N ASN C 47 3.25 -16.72 20.92
CA ASN C 47 2.55 -15.66 21.66
C ASN C 47 3.55 -14.61 22.12
N GLU C 48 3.17 -13.33 22.10
CA GLU C 48 4.10 -12.27 22.49
C GLU C 48 4.75 -12.58 23.83
N GLY C 49 6.07 -12.44 23.86
CA GLY C 49 6.87 -12.79 25.02
C GLY C 49 7.58 -14.12 24.85
N ASP C 50 7.07 -14.97 23.97
CA ASP C 50 7.67 -16.28 23.77
C ASP C 50 9.07 -16.17 23.17
N THR C 51 9.92 -17.12 23.53
CA THR C 51 11.21 -17.30 22.87
C THR C 51 11.22 -18.65 22.16
N LEU C 52 11.74 -18.67 20.94
CA LEU C 52 11.83 -19.91 20.21
C LEU C 52 13.26 -20.21 19.81
N HIS C 53 13.75 -21.35 20.30
CA HIS C 53 15.04 -21.88 19.87
C HIS C 53 14.78 -22.87 18.76
N ILE C 54 15.26 -22.54 17.56
CA ILE C 54 15.17 -23.44 16.42
C ILE C 54 16.47 -24.20 16.21
N GLU C 55 16.40 -25.52 16.32
CA GLU C 55 17.56 -26.36 16.04
C GLU C 55 17.54 -26.68 14.55
N PHE C 56 18.51 -26.14 13.84
CA PHE C 56 18.51 -26.18 12.40
C PHE C 56 19.54 -27.16 11.86
N GLU C 57 19.12 -27.96 10.88
CA GLU C 57 20.03 -28.82 10.16
C GLU C 57 19.84 -28.56 8.68
N ASN C 58 20.93 -28.32 7.97
CA ASN C 58 20.87 -28.15 6.54
C ASN C 58 21.30 -29.44 5.88
N THR C 59 20.34 -30.19 5.32
CA THR C 59 20.66 -31.51 4.79
C THR C 59 21.01 -31.47 3.32
N MET C 60 21.03 -30.28 2.73
CA MET C 60 21.35 -30.15 1.32
C MET C 60 22.85 -30.14 1.10
N ASP C 61 23.26 -30.14 -0.16
CA ASP C 61 24.69 -30.12 -0.50
C ASP C 61 25.20 -28.71 -0.81
N VAL C 62 24.36 -27.70 -0.61
CA VAL C 62 24.79 -26.31 -0.70
C VAL C 62 24.38 -25.54 0.56
N PRO C 63 25.10 -24.46 0.88
CA PRO C 63 24.75 -23.63 2.03
C PRO C 63 23.28 -23.17 2.00
N VAL C 64 22.64 -23.06 3.16
CA VAL C 64 21.28 -22.54 3.25
C VAL C 64 21.19 -21.63 4.47
N SER C 65 20.11 -20.88 4.60
CA SER C 65 19.95 -20.05 5.79
C SER C 65 18.50 -19.81 6.15
N LEU C 66 18.30 -19.31 7.37
CA LEU C 66 16.97 -19.01 7.85
C LEU C 66 16.95 -17.57 8.27
N HIS C 67 16.17 -16.77 7.57
CA HIS C 67 15.99 -15.38 7.97
C HIS C 67 14.53 -15.03 8.22
N VAL C 68 14.27 -14.26 9.27
CA VAL C 68 12.89 -13.99 9.63
C VAL C 68 12.54 -12.50 9.62
N HIS C 69 11.27 -12.20 9.34
CA HIS C 69 10.82 -10.81 9.41
C HIS C 69 10.11 -10.53 10.71
N GLY C 70 10.34 -9.33 11.23
CA GLY C 70 9.50 -8.70 12.26
C GLY C 70 9.84 -9.04 13.70
N LEU C 71 10.44 -10.20 13.92
CA LEU C 71 10.62 -10.71 15.26
C LEU C 71 11.96 -10.24 15.76
N ASP C 72 12.27 -10.53 17.01
CA ASP C 72 13.51 -10.07 17.62
C ASP C 72 14.59 -11.13 17.46
N TYR C 73 15.59 -10.84 16.64
CA TYR C 73 16.73 -11.70 16.52
C TYR C 73 18.00 -10.88 16.69
N GLU C 74 19.01 -11.46 17.31
CA GLU C 74 20.34 -10.86 17.34
C GLU C 74 20.99 -10.98 15.96
N ILE C 75 22.02 -10.19 15.70
CA ILE C 75 22.70 -10.25 14.40
C ILE C 75 23.15 -11.68 14.07
N SER C 76 23.40 -12.49 15.10
CA SER C 76 23.90 -13.85 14.89
C SER C 76 22.79 -14.82 14.46
N SER C 77 21.55 -14.39 14.59
CA SER C 77 20.41 -15.10 13.95
C SER C 77 19.82 -14.44 12.68
N ASP C 78 20.49 -13.42 12.17
CA ASP C 78 20.12 -12.74 10.92
C ASP C 78 19.97 -13.75 9.76
N GLY C 79 20.83 -14.77 9.76
CA GLY C 79 20.77 -15.78 8.74
C GLY C 79 21.25 -15.28 7.39
N THR C 80 22.44 -14.69 7.38
CA THR C 80 23.05 -14.22 6.14
C THR C 80 24.54 -14.55 6.09
N LYS C 81 25.10 -14.60 4.88
CA LYS C 81 26.53 -14.81 4.69
C LYS C 81 27.27 -13.63 5.33
N GLN C 82 26.67 -12.45 5.23
CA GLN C 82 27.34 -11.22 5.70
C GLN C 82 27.54 -11.24 7.23
N SER C 83 26.57 -11.78 7.96
CA SER C 83 26.71 -11.95 9.41
C SER C 83 27.34 -13.30 9.79
N ARG C 84 27.74 -14.08 8.79
CA ARG C 84 28.32 -15.39 9.03
C ARG C 84 27.34 -16.32 9.76
N SER C 85 26.06 -16.02 9.64
CA SER C 85 25.00 -16.83 10.26
C SER C 85 24.31 -17.85 9.35
N ASP C 86 24.80 -18.06 8.12
CA ASP C 86 24.24 -19.11 7.29
C ASP C 86 24.70 -20.49 7.77
N VAL C 87 24.22 -21.55 7.14
CA VAL C 87 24.52 -22.91 7.56
C VAL C 87 25.15 -23.73 6.43
N GLU C 88 26.35 -24.23 6.69
CA GLU C 88 27.09 -25.02 5.69
C GLU C 88 26.40 -26.34 5.41
N PRO C 89 26.74 -26.97 4.27
CA PRO C 89 26.20 -28.28 3.88
C PRO C 89 26.35 -29.30 5.01
N GLY C 90 25.26 -29.98 5.32
CA GLY C 90 25.26 -30.96 6.39
C GLY C 90 25.41 -30.35 7.76
N GLY C 91 25.52 -29.02 7.81
CA GLY C 91 25.74 -28.32 9.06
C GLY C 91 24.53 -28.18 9.95
N THR C 92 24.76 -27.75 11.18
CA THR C 92 23.67 -27.50 12.14
C THR C 92 23.93 -26.23 12.90
N ARG C 93 22.87 -25.49 13.20
CA ARG C 93 22.97 -24.29 14.03
C ARG C 93 21.67 -24.05 14.79
N THR C 94 21.76 -23.43 15.95
CA THR C 94 20.54 -22.98 16.63
C THR C 94 20.24 -21.50 16.36
N TYR C 95 19.13 -21.26 15.66
CA TYR C 95 18.65 -19.91 15.44
C TYR C 95 17.70 -19.57 16.56
N THR C 96 17.86 -18.37 17.13
CA THR C 96 16.99 -17.95 18.21
C THR C 96 16.16 -16.75 17.82
N TRP C 97 14.84 -16.89 17.99
CA TRP C 97 13.92 -15.78 17.73
C TRP C 97 13.23 -15.38 19.03
N ARG C 98 13.39 -14.12 19.43
CA ARG C 98 12.64 -13.64 20.60
C ARG C 98 11.47 -12.77 20.20
N THR C 99 10.69 -12.38 21.19
CA THR C 99 9.41 -11.76 20.91
C THR C 99 9.01 -10.89 22.11
N HIS C 100 8.34 -9.77 21.88
CA HIS C 100 8.00 -8.88 23.00
C HIS C 100 6.60 -8.30 22.90
N VAL C 101 5.95 -8.09 24.05
CA VAL C 101 4.65 -7.42 24.11
C VAL C 101 4.85 -5.91 24.05
N PRO C 102 3.80 -5.17 23.65
CA PRO C 102 3.92 -3.71 23.59
C PRO C 102 3.94 -3.15 24.99
N GLY C 103 4.39 -1.90 25.13
CA GLY C 103 4.48 -1.30 26.44
C GLY C 103 5.12 0.06 26.35
N ARG C 104 5.26 0.73 27.49
CA ARG C 104 5.73 2.10 27.50
C ARG C 104 7.26 2.13 27.74
N ARG C 105 8.00 2.77 26.85
CA ARG C 105 9.45 2.88 27.02
C ARG C 105 9.74 3.89 28.09
N ALA C 106 11.02 4.01 28.44
CA ALA C 106 11.47 4.95 29.46
C ALA C 106 11.27 6.40 29.05
N ASP C 107 11.36 6.67 27.75
CA ASP C 107 11.21 8.04 27.29
C ASP C 107 9.73 8.42 27.17
N GLY C 108 8.87 7.47 27.49
CA GLY C 108 7.43 7.69 27.51
C GLY C 108 6.73 7.48 26.18
N THR C 109 7.45 6.99 25.19
CA THR C 109 6.84 6.63 23.93
C THR C 109 6.21 5.25 24.07
N TRP C 110 5.51 4.78 23.04
CA TRP C 110 4.84 3.50 23.12
C TRP C 110 5.53 2.51 22.21
N ARG C 111 6.19 1.52 22.79
CA ARG C 111 6.91 0.53 22.00
C ARG C 111 5.94 -0.50 21.47
N ALA C 112 5.99 -0.69 20.15
CA ALA C 112 5.12 -1.65 19.48
C ALA C 112 5.59 -3.08 19.76
N GLY C 113 4.63 -3.98 20.03
CA GLY C 113 4.94 -5.38 20.23
C GLY C 113 5.28 -6.11 18.95
N SER C 114 5.52 -7.42 19.04
CA SER C 114 5.91 -8.21 17.88
C SER C 114 4.73 -8.78 17.11
N ALA C 115 3.54 -8.71 17.68
CA ALA C 115 2.40 -9.39 17.06
C ALA C 115 2.19 -8.99 15.59
N GLY C 116 1.85 -9.96 14.76
CA GLY C 116 1.59 -9.68 13.37
C GLY C 116 1.79 -10.90 12.50
N TYR C 117 1.49 -10.75 11.21
CA TYR C 117 1.73 -11.79 10.24
C TYR C 117 3.09 -11.62 9.61
N TRP C 118 3.98 -12.58 9.86
CA TRP C 118 5.34 -12.52 9.34
C TRP C 118 5.71 -13.79 8.59
N HIS C 119 6.98 -13.91 8.20
CA HIS C 119 7.42 -15.05 7.41
C HIS C 119 8.92 -15.29 7.57
N TYR C 120 9.38 -16.47 7.15
CA TYR C 120 10.81 -16.78 7.11
C TYR C 120 11.20 -17.35 5.75
N HIS C 121 12.44 -17.12 5.33
CA HIS C 121 12.90 -17.63 4.04
C HIS C 121 14.41 -17.62 3.99
N ASP C 122 14.97 -18.33 3.00
CA ASP C 122 16.42 -18.37 2.84
C ASP C 122 17.04 -17.04 2.36
N HIS C 123 18.20 -16.70 2.90
CA HIS C 123 18.97 -15.59 2.35
C HIS C 123 20.23 -15.95 1.57
N VAL C 124 20.66 -17.21 1.56
CA VAL C 124 21.95 -17.54 0.92
C VAL C 124 21.98 -18.34 -0.39
N VAL C 125 20.86 -18.86 -0.86
CA VAL C 125 20.92 -19.75 -2.01
C VAL C 125 20.83 -19.01 -3.33
N GLY C 126 21.88 -19.16 -4.12
CA GLY C 126 21.99 -18.63 -5.47
C GLY C 126 22.54 -17.21 -5.48
N THR C 127 22.24 -16.48 -4.41
CA THR C 127 22.77 -15.14 -4.17
C THR C 127 22.72 -14.86 -2.68
N GLU C 128 23.29 -13.72 -2.31
CA GLU C 128 23.32 -13.33 -0.91
C GLU C 128 21.99 -12.71 -0.52
N HIS C 129 21.07 -12.60 -1.47
CA HIS C 129 19.68 -12.28 -1.17
C HIS C 129 18.71 -13.45 -1.24
N GLY C 130 19.26 -14.65 -1.44
CA GLY C 130 18.50 -15.88 -1.42
C GLY C 130 17.55 -16.00 -2.60
N THR C 131 17.88 -15.34 -3.70
CA THR C 131 17.01 -15.38 -4.87
C THR C 131 16.72 -16.83 -5.27
N GLY C 132 17.76 -17.66 -5.29
CA GLY C 132 17.61 -19.05 -5.67
C GLY C 132 16.80 -19.85 -4.67
N GLY C 133 17.19 -19.78 -3.40
CA GLY C 133 16.43 -20.42 -2.36
C GLY C 133 14.95 -20.03 -2.41
N ILE C 134 14.66 -18.73 -2.39
CA ILE C 134 13.29 -18.25 -2.41
C ILE C 134 12.53 -18.80 -3.62
N ARG C 135 13.16 -18.81 -4.78
CA ARG C 135 12.51 -19.36 -5.96
C ARG C 135 12.31 -20.88 -5.81
N ASN C 136 13.28 -21.55 -5.18
CA ASN C 136 13.17 -22.98 -5.01
C ASN C 136 12.14 -23.41 -3.99
N GLY C 137 11.60 -22.44 -3.25
CA GLY C 137 10.61 -22.73 -2.23
C GLY C 137 10.98 -22.65 -0.74
N LEU C 138 12.09 -22.02 -0.38
CA LEU C 138 12.36 -21.96 1.05
C LEU C 138 11.75 -20.68 1.63
N TYR C 139 10.53 -20.84 2.13
CA TYR C 139 9.80 -19.79 2.80
C TYR C 139 8.67 -20.41 3.60
N GLY C 140 8.21 -19.71 4.63
CA GLY C 140 7.15 -20.20 5.46
C GLY C 140 6.59 -19.09 6.31
N PRO C 141 5.35 -19.27 6.75
CA PRO C 141 4.59 -18.30 7.53
C PRO C 141 4.98 -18.27 9.00
N VAL C 142 4.95 -17.07 9.58
CA VAL C 142 5.05 -16.94 11.03
C VAL C 142 3.92 -16.07 11.53
N ILE C 143 3.23 -16.54 12.57
CA ILE C 143 2.23 -15.72 13.21
C ILE C 143 2.64 -15.46 14.64
N VAL C 144 2.64 -14.18 15.04
CA VAL C 144 2.79 -13.86 16.45
C VAL C 144 1.53 -13.17 16.93
N ARG C 145 0.95 -13.72 17.99
CA ARG C 145 -0.33 -13.27 18.52
C ARG C 145 -0.20 -12.48 19.81
N ARG C 146 -0.94 -11.37 19.88
CA ARG C 146 -1.00 -10.56 21.09
C ARG C 146 -2.03 -11.16 22.03
N LYS C 147 -1.78 -11.09 23.33
CA LYS C 147 -2.74 -11.62 24.27
C LYS C 147 -4.11 -11.05 23.93
N GLY C 148 -5.10 -11.93 23.80
CA GLY C 148 -6.45 -11.48 23.55
C GLY C 148 -6.87 -11.56 22.09
N ASP C 149 -5.90 -11.83 21.21
CA ASP C 149 -6.18 -12.01 19.79
C ASP C 149 -7.16 -13.15 19.58
N VAL C 150 -8.05 -12.96 18.61
CA VAL C 150 -9.04 -13.96 18.27
C VAL C 150 -8.41 -15.11 17.50
N LEU C 151 -8.66 -16.33 17.95
CA LEU C 151 -8.13 -17.52 17.31
C LEU C 151 -9.07 -18.08 16.24
N PRO C 152 -8.50 -18.48 15.09
CA PRO C 152 -9.21 -19.08 13.95
C PRO C 152 -9.55 -20.54 14.20
N ASP C 153 -10.48 -21.11 13.43
CA ASP C 153 -10.68 -22.57 13.42
C ASP C 153 -9.61 -23.26 12.58
N ARG C 154 -9.13 -22.57 11.55
CA ARG C 154 -8.08 -23.07 10.66
C ARG C 154 -7.32 -21.93 10.05
N THR C 155 -6.09 -22.22 9.61
CA THR C 155 -5.21 -21.22 9.01
C THR C 155 -4.65 -21.78 7.70
N HIS C 156 -4.65 -20.94 6.66
CA HIS C 156 -4.13 -21.31 5.36
C HIS C 156 -3.16 -20.25 4.90
N THR C 157 -2.11 -20.70 4.24
CA THR C 157 -1.04 -19.81 3.81
C THR C 157 -1.00 -19.72 2.30
N ILE C 158 -1.10 -18.51 1.78
CA ILE C 158 -1.08 -18.30 0.35
C ILE C 158 0.13 -17.44 0.03
N VAL C 159 1.06 -18.00 -0.73
CA VAL C 159 2.26 -17.27 -1.10
C VAL C 159 2.30 -17.08 -2.61
N PHE C 160 2.30 -15.82 -3.05
CA PHE C 160 2.52 -15.55 -4.46
C PHE C 160 4.03 -15.46 -4.63
N ASN C 161 4.61 -16.45 -5.33
CA ASN C 161 6.04 -16.53 -5.48
C ASN C 161 6.38 -16.43 -6.96
N ASP C 162 7.00 -15.33 -7.35
CA ASP C 162 7.02 -14.96 -8.76
C ASP C 162 5.60 -15.08 -9.34
N MET C 163 5.47 -15.89 -10.39
CA MET C 163 4.21 -16.11 -11.09
C MET C 163 3.44 -17.35 -10.62
N THR C 164 3.88 -17.95 -9.52
CA THR C 164 3.21 -19.13 -8.97
C THR C 164 2.54 -18.86 -7.63
N ILE C 165 1.53 -19.68 -7.31
CA ILE C 165 1.04 -19.73 -5.93
C ILE C 165 1.65 -20.94 -5.23
N ASN C 166 2.36 -20.69 -4.14
CA ASN C 166 3.02 -21.76 -3.38
C ASN C 166 3.89 -22.67 -4.25
N ASN C 167 4.50 -22.11 -5.28
CA ASN C 167 5.32 -22.89 -6.21
C ASN C 167 4.59 -23.99 -6.96
N ARG C 168 3.28 -23.88 -7.05
CA ARG C 168 2.52 -24.87 -7.80
C ARG C 168 2.35 -24.52 -9.28
N PRO C 169 2.26 -25.56 -10.12
CA PRO C 169 1.99 -25.35 -11.55
C PRO C 169 0.73 -24.50 -11.74
N ALA C 170 0.69 -23.78 -12.85
CA ALA C 170 -0.45 -22.95 -13.19
C ALA C 170 -1.74 -23.76 -13.03
N HIS C 171 -2.77 -23.10 -12.50
CA HIS C 171 -4.12 -23.68 -12.43
C HIS C 171 -4.17 -24.94 -11.57
N THR C 172 -3.21 -25.10 -10.67
CA THR C 172 -3.27 -26.20 -9.71
C THR C 172 -3.70 -25.86 -8.28
N GLY C 173 -4.15 -24.64 -8.06
CA GLY C 173 -4.58 -24.26 -6.72
C GLY C 173 -3.47 -23.60 -5.94
N PRO C 174 -3.48 -23.77 -4.60
CA PRO C 174 -4.29 -24.69 -3.81
C PRO C 174 -5.72 -24.26 -3.58
N ASP C 175 -6.57 -25.23 -3.30
CA ASP C 175 -7.92 -24.96 -2.84
C ASP C 175 -7.97 -25.23 -1.34
N PHE C 176 -8.76 -24.43 -0.63
CA PHE C 176 -8.99 -24.67 0.79
C PHE C 176 -10.47 -24.92 1.05
N GLU C 177 -10.77 -25.90 1.90
CA GLU C 177 -12.17 -26.18 2.23
C GLU C 177 -12.54 -25.61 3.59
N ALA C 178 -13.78 -25.16 3.72
CA ALA C 178 -14.33 -24.77 5.01
C ALA C 178 -15.84 -25.01 5.00
N THR C 179 -16.48 -24.76 6.13
CA THR C 179 -17.92 -24.84 6.22
C THR C 179 -18.48 -23.47 6.57
N VAL C 180 -19.65 -23.14 6.04
CA VAL C 180 -20.23 -21.84 6.31
C VAL C 180 -20.19 -21.58 7.80
N GLY C 181 -19.71 -20.39 8.15
CA GLY C 181 -19.62 -19.96 9.54
C GLY C 181 -18.30 -20.23 10.22
N ASP C 182 -17.42 -21.00 9.57
CA ASP C 182 -16.10 -21.26 10.14
C ASP C 182 -15.31 -19.96 10.22
N ARG C 183 -14.51 -19.80 11.28
CA ARG C 183 -13.63 -18.66 11.32
C ARG C 183 -12.30 -19.07 10.71
N VAL C 184 -11.99 -18.51 9.52
CA VAL C 184 -10.82 -18.95 8.77
C VAL C 184 -9.77 -17.85 8.61
N GLU C 185 -8.53 -18.24 8.84
CA GLU C 185 -7.42 -17.30 8.80
C GLU C 185 -6.55 -17.55 7.57
N PHE C 186 -6.17 -16.47 6.89
CA PHE C 186 -5.27 -16.54 5.75
C PHE C 186 -4.04 -15.71 5.98
N VAL C 187 -2.88 -16.30 5.72
CA VAL C 187 -1.62 -15.58 5.76
C VAL C 187 -1.18 -15.36 4.33
N MET C 188 -0.92 -14.12 3.94
CA MET C 188 -0.66 -13.78 2.55
C MET C 188 0.78 -13.24 2.42
N ILE C 189 1.62 -13.98 1.73
CA ILE C 189 3.04 -13.64 1.60
C ILE C 189 3.39 -13.49 0.13
N THR C 190 4.21 -12.48 -0.19
CA THR C 190 4.67 -12.32 -1.57
C THR C 190 6.19 -12.40 -1.67
N HIS C 191 6.68 -13.02 -2.74
CA HIS C 191 8.12 -13.19 -2.94
C HIS C 191 8.51 -13.08 -4.39
N GLY C 192 9.81 -12.96 -4.63
CA GLY C 192 10.33 -12.96 -5.99
C GLY C 192 10.44 -11.62 -6.66
N GLU C 193 10.15 -11.62 -7.96
CA GLU C 193 10.41 -10.47 -8.82
C GLU C 193 9.25 -9.48 -9.09
N TYR C 194 8.02 -9.83 -8.75
CA TYR C 194 6.85 -9.13 -9.29
C TYR C 194 5.87 -8.57 -8.26
N TYR C 195 5.35 -7.37 -8.49
CA TYR C 195 4.22 -6.92 -7.70
C TYR C 195 2.96 -7.72 -8.11
N HIS C 196 2.02 -7.86 -7.18
CA HIS C 196 0.77 -8.58 -7.43
C HIS C 196 -0.39 -7.86 -6.74
N THR C 197 -1.61 -8.37 -6.91
CA THR C 197 -2.73 -7.91 -6.10
C THR C 197 -3.56 -9.10 -5.66
N PHE C 198 -3.67 -9.27 -4.35
CA PHE C 198 -4.43 -10.38 -3.82
C PHE C 198 -5.89 -10.00 -3.77
N HIS C 199 -6.70 -10.94 -4.24
CA HIS C 199 -8.13 -10.74 -4.29
C HIS C 199 -8.95 -11.97 -3.95
N LEU C 200 -9.93 -11.79 -3.07
CA LEU C 200 -10.79 -12.89 -2.62
C LEU C 200 -12.27 -12.58 -2.86
N HIS C 201 -12.91 -13.39 -3.69
CA HIS C 201 -14.35 -13.30 -3.90
C HIS C 201 -15.17 -13.52 -2.63
N GLY C 202 -16.27 -12.78 -2.51
CA GLY C 202 -17.31 -13.08 -1.53
C GLY C 202 -16.99 -12.66 -0.11
N HIS C 203 -15.76 -12.25 0.13
CA HIS C 203 -15.34 -11.89 1.48
C HIS C 203 -14.50 -10.62 1.49
N ARG C 204 -14.33 -10.07 2.69
CA ARG C 204 -13.52 -8.88 2.84
C ARG C 204 -12.92 -8.82 4.25
N TRP C 205 -11.85 -8.04 4.42
CA TRP C 205 -11.18 -7.89 5.70
C TRP C 205 -10.74 -6.45 5.90
N ALA C 206 -10.16 -6.17 7.06
CA ALA C 206 -9.69 -4.81 7.35
C ALA C 206 -8.21 -4.70 7.04
N ASP C 207 -7.76 -3.57 6.48
CA ASP C 207 -6.34 -3.50 6.21
C ASP C 207 -5.68 -2.91 7.47
N ASN C 208 -5.16 -3.81 8.29
CA ASN C 208 -4.62 -3.46 9.59
C ASN C 208 -3.89 -4.64 10.22
N ARG C 209 -3.45 -4.49 11.47
CA ARG C 209 -2.67 -5.56 12.08
C ARG C 209 -3.37 -6.92 12.02
N THR C 210 -4.61 -7.00 12.48
CA THR C 210 -5.25 -8.31 12.56
C THR C 210 -6.07 -8.68 11.34
N GLY C 211 -6.26 -7.73 10.44
CA GLY C 211 -7.14 -7.95 9.32
C GLY C 211 -8.60 -7.87 9.76
N MET C 212 -8.83 -7.49 11.01
CA MET C 212 -10.20 -7.30 11.49
C MET C 212 -10.37 -5.96 12.20
N LEU C 213 -11.55 -5.36 12.05
CA LEU C 213 -11.82 -4.12 12.77
C LEU C 213 -11.88 -4.36 14.28
N THR C 214 -11.14 -3.53 15.01
CA THR C 214 -11.04 -3.64 16.46
C THR C 214 -12.33 -3.24 17.16
N GLY C 215 -13.20 -2.53 16.45
CA GLY C 215 -14.43 -2.00 17.02
C GLY C 215 -15.00 -0.93 16.10
N PRO C 216 -16.05 -0.23 16.56
CA PRO C 216 -16.68 0.80 15.73
C PRO C 216 -15.76 2.00 15.53
N ASP C 217 -14.68 2.11 16.29
CA ASP C 217 -13.83 3.29 16.13
C ASP C 217 -12.70 3.14 15.13
N ASP C 218 -12.48 1.92 14.66
CA ASP C 218 -11.37 1.64 13.74
C ASP C 218 -11.61 2.16 12.31
N PRO C 219 -10.85 3.17 11.92
CA PRO C 219 -10.91 3.83 10.60
C PRO C 219 -10.36 2.98 9.45
N SER C 220 -9.67 1.88 9.75
CA SER C 220 -8.98 1.12 8.71
C SER C 220 -9.91 0.86 7.52
N GLN C 221 -9.37 0.97 6.31
CA GLN C 221 -10.18 0.69 5.14
C GLN C 221 -10.54 -0.79 5.08
N VAL C 222 -11.74 -1.09 4.62
CA VAL C 222 -12.15 -2.47 4.42
C VAL C 222 -12.00 -2.78 2.94
N ILE C 223 -11.40 -3.93 2.61
CA ILE C 223 -10.98 -4.23 1.24
C ILE C 223 -11.20 -5.69 0.89
N ASP C 224 -11.43 -6.01 -0.39
CA ASP C 224 -11.18 -7.37 -0.92
C ASP C 224 -9.95 -7.52 -1.84
N ASN C 225 -9.19 -6.45 -2.01
CA ASN C 225 -8.11 -6.39 -2.98
C ASN C 225 -6.91 -5.68 -2.37
N LYS C 226 -5.73 -6.28 -2.43
CA LYS C 226 -4.54 -5.65 -1.84
C LYS C 226 -3.31 -5.78 -2.73
N ILE C 227 -2.60 -4.68 -2.92
CA ILE C 227 -1.39 -4.71 -3.70
C ILE C 227 -0.24 -5.16 -2.80
N CYS C 228 0.64 -6.01 -3.31
CA CYS C 228 1.73 -6.53 -2.47
C CYS C 228 3.03 -6.77 -3.22
N GLY C 229 4.14 -6.41 -2.60
CA GLY C 229 5.46 -6.58 -3.19
C GLY C 229 6.23 -7.74 -2.58
N PRO C 230 7.35 -8.11 -3.21
CA PRO C 230 8.22 -9.18 -2.70
C PRO C 230 8.64 -8.94 -1.24
N ALA C 231 8.52 -9.99 -0.42
CA ALA C 231 8.74 -9.91 1.02
C ALA C 231 7.57 -9.27 1.80
N ASP C 232 6.53 -8.81 1.11
CA ASP C 232 5.34 -8.33 1.83
C ASP C 232 4.60 -9.46 2.55
N SER C 233 4.04 -9.08 3.68
CA SER C 233 3.47 -10.04 4.60
C SER C 233 2.18 -9.42 5.20
N PHE C 234 1.04 -10.09 5.04
CA PHE C 234 -0.16 -9.68 5.78
C PHE C 234 -1.13 -10.85 5.93
N GLY C 235 -2.05 -10.73 6.89
CA GLY C 235 -3.04 -11.77 7.11
C GLY C 235 -4.34 -11.20 7.63
N PHE C 236 -5.35 -12.06 7.70
CA PHE C 236 -6.67 -11.66 8.18
C PHE C 236 -7.49 -12.89 8.50
N GLN C 237 -8.70 -12.67 9.04
CA GLN C 237 -9.66 -13.77 9.23
C GLN C 237 -11.03 -13.37 8.73
N VAL C 238 -11.71 -14.30 8.08
CA VAL C 238 -13.09 -14.06 7.66
C VAL C 238 -14.02 -15.13 8.25
N ILE C 239 -15.31 -14.85 8.24
CA ILE C 239 -16.29 -15.87 8.56
C ILE C 239 -16.77 -16.46 7.25
N ALA C 240 -16.49 -17.76 7.05
CA ALA C 240 -16.76 -18.35 5.75
C ALA C 240 -18.21 -18.20 5.32
N GLY C 241 -18.40 -17.61 4.14
CA GLY C 241 -19.73 -17.45 3.60
C GLY C 241 -20.59 -16.42 4.30
N GLU C 242 -20.01 -15.67 5.23
CA GLU C 242 -20.79 -14.71 5.97
C GLU C 242 -21.45 -13.67 5.03
N GLY C 243 -22.78 -13.63 5.11
CA GLY C 243 -23.57 -12.71 4.32
C GLY C 243 -23.68 -13.18 2.88
N VAL C 244 -22.78 -14.07 2.46
CA VAL C 244 -22.79 -14.58 1.08
C VAL C 244 -23.20 -16.03 0.83
N GLY C 245 -23.28 -16.85 1.88
CA GLY C 245 -23.58 -18.26 1.69
C GLY C 245 -22.47 -19.16 1.11
N ALA C 246 -22.80 -20.42 0.87
CA ALA C 246 -21.82 -21.40 0.39
C ALA C 246 -21.49 -21.20 -1.08
N GLY C 247 -20.36 -21.75 -1.51
CA GLY C 247 -19.97 -21.70 -2.91
C GLY C 247 -18.47 -21.90 -3.10
N ALA C 248 -18.05 -22.01 -4.35
CA ALA C 248 -16.63 -22.04 -4.62
C ALA C 248 -16.19 -20.59 -4.85
N TRP C 249 -15.49 -20.05 -3.86
CA TRP C 249 -15.14 -18.64 -3.84
C TRP C 249 -13.72 -18.43 -4.36
N MET C 250 -13.61 -17.82 -5.54
CA MET C 250 -12.31 -17.64 -6.17
C MET C 250 -11.42 -16.72 -5.37
N TYR C 251 -10.13 -17.02 -5.37
CA TYR C 251 -9.15 -16.03 -5.00
C TYR C 251 -8.09 -16.11 -6.07
N HIS C 252 -7.44 -14.99 -6.37
CA HIS C 252 -6.36 -15.01 -7.36
C HIS C 252 -5.59 -13.73 -7.31
N CYS C 253 -4.51 -13.68 -8.09
CA CYS C 253 -3.87 -12.41 -8.27
C CYS C 253 -4.82 -11.69 -9.20
N HIS C 254 -5.06 -10.42 -8.93
CA HIS C 254 -5.89 -9.67 -9.85
C HIS C 254 -5.11 -8.97 -10.96
N VAL C 255 -3.80 -9.20 -11.07
CA VAL C 255 -3.09 -8.68 -12.24
C VAL C 255 -3.58 -9.53 -13.42
N GLN C 256 -4.20 -8.90 -14.41
CA GLN C 256 -4.94 -9.66 -15.43
C GLN C 256 -4.12 -10.80 -16.07
N SER C 257 -2.94 -10.51 -16.60
CA SER C 257 -2.15 -11.57 -17.21
C SER C 257 -1.85 -12.72 -16.20
N HIS C 258 -1.62 -12.38 -14.95
CA HIS C 258 -1.29 -13.39 -13.94
C HIS C 258 -2.48 -14.31 -13.66
N SER C 259 -3.67 -13.74 -13.63
CA SER C 259 -4.82 -14.55 -13.34
C SER C 259 -5.06 -15.44 -14.55
N ASP C 260 -4.84 -14.89 -15.73
CA ASP C 260 -4.94 -15.68 -16.95
C ASP C 260 -3.87 -16.77 -17.00
N MET C 261 -2.72 -16.51 -16.39
CA MET C 261 -1.61 -17.46 -16.44
C MET C 261 -1.88 -18.60 -15.49
N GLY C 262 -2.89 -18.45 -14.64
CA GLY C 262 -3.15 -19.45 -13.62
C GLY C 262 -2.84 -19.19 -12.15
N MET C 263 -2.62 -17.95 -11.73
CA MET C 263 -2.45 -17.80 -10.30
C MET C 263 -3.87 -17.64 -9.81
N VAL C 264 -4.44 -18.76 -9.41
CA VAL C 264 -5.85 -18.83 -9.12
C VAL C 264 -6.08 -20.00 -8.19
N GLY C 265 -7.05 -19.86 -7.29
CA GLY C 265 -7.34 -20.91 -6.35
C GLY C 265 -8.76 -20.79 -5.85
N LEU C 266 -9.19 -21.79 -5.09
CA LEU C 266 -10.56 -21.79 -4.61
C LEU C 266 -10.63 -21.84 -3.10
N PHE C 267 -11.50 -21.01 -2.55
CA PHE C 267 -11.83 -21.11 -1.14
C PHE C 267 -13.18 -21.84 -1.16
N LEU C 268 -13.15 -23.12 -0.82
CA LEU C 268 -14.32 -23.96 -0.99
C LEU C 268 -15.16 -23.96 0.27
N VAL C 269 -16.32 -23.31 0.20
CA VAL C 269 -17.15 -23.19 1.38
C VAL C 269 -18.41 -24.02 1.23
N LYS C 270 -18.54 -25.05 2.07
CA LYS C 270 -19.60 -26.04 1.96
C LYS C 270 -20.81 -25.69 2.83
N LYS C 271 -22.01 -26.05 2.36
CA LYS C 271 -23.18 -26.07 3.24
C LYS C 271 -22.92 -27.10 4.36
N PRO C 272 -23.67 -27.01 5.45
CA PRO C 272 -23.55 -27.98 6.54
C PRO C 272 -23.59 -29.44 6.06
N ASP C 273 -24.43 -29.75 5.06
CA ASP C 273 -24.52 -31.12 4.53
C ASP C 273 -23.31 -31.55 3.69
N GLY C 274 -22.36 -30.65 3.45
CA GLY C 274 -21.16 -30.97 2.72
C GLY C 274 -21.23 -30.64 1.24
N THR C 275 -22.40 -30.23 0.77
CA THR C 275 -22.60 -29.84 -0.62
C THR C 275 -22.08 -28.42 -0.94
N ILE C 276 -21.61 -28.23 -2.17
CA ILE C 276 -21.35 -26.90 -2.71
C ILE C 276 -22.17 -26.60 -3.96
N PRO C 277 -23.09 -25.62 -3.87
CA PRO C 277 -23.89 -25.25 -5.04
C PRO C 277 -23.04 -24.58 -6.14
N GLY C 278 -23.18 -25.06 -7.38
CA GLY C 278 -22.39 -24.55 -8.50
C GLY C 278 -21.02 -25.18 -8.61
N TYR C 279 -20.91 -26.43 -8.17
CA TYR C 279 -19.63 -27.12 -8.06
C TYR C 279 -19.84 -28.59 -7.72
#